data_1E6Z
#
_entry.id   1E6Z
#
_cell.length_a   55.801
_cell.length_b   103.811
_cell.length_c   186.359
_cell.angle_alpha   90.00
_cell.angle_beta   90.00
_cell.angle_gamma   90.00
#
_symmetry.space_group_name_H-M   'P 21 21 21'
#
loop_
_entity.id
_entity.type
_entity.pdbx_description
1 polymer 'CHITINASE B'
2 branched 2-acetamido-2-deoxy-beta-D-glucopyranose-(1-4)-2-acetamido-2-deoxy-beta-D-glucopyranose
3 non-polymer 'SULFATE ION'
4 non-polymer 2-METHYL-4,5-DIHYDRO-(1,2-DIDEOXY-ALPHA-D-GLUCOPYRANOSO)[2,1-D]-1,3-OXAZOLE
5 non-polymer 2-acetamido-2-deoxy-beta-D-glucopyranose
6 water water
#
_entity_poly.entity_id   1
_entity_poly.type   'polypeptide(L)'
_entity_poly.pdbx_seq_one_letter_code
;STRKAVIGYYFIPTNQINNYTETDTSVVPFPVSNITPAKAKQLTHINFSFLDINSNLECAWDPATNDAKARDVVNRLTAL
KAHNPSLRIMFSIGGWYYSNDLGVSHANYVNAVKTPASRAKFAQSCVRIMKDYGFDGVDIDWEYPQAAEVDGFIAALQEI
RTLLNQQTITDGRQALPYQLTIAGAGGAFFLSRYYSKLAQIVAPLDYINLMTYDLAGPWEKVTNHQAALFGDAAGPTFYN
ALREANLGWSWEELTRAFPSPFSLTVDAAVQQHLMMEGVPSAKIVMGVPFYGRAFKGVSGGNGGQYSSHSTPGEDPYPST
DYWLVGCEECVRDKDPRIASYRQLEQMLQGNYGYQRLWNDKTKTPYLYHAQNGLFVTYDDAESFKYKAKYIKQQQLGGVM
FWHLGQDNRNGDLLAALDRYFNAADYDDSQLDMGTGLRYTGVGPGNLPIMTAPAYVPGTTYAQGALVSYQGYVWQTKWGY
ITSAPGSDSAWLKVGRVA
;
_entity_poly.pdbx_strand_id   A,B
#
loop_
_chem_comp.id
_chem_comp.type
_chem_comp.name
_chem_comp.formula
NAG D-saccharide, beta linking 2-acetamido-2-deoxy-beta-D-glucopyranose 'C8 H15 N O6'
NGO non-polymer 2-METHYL-4,5-DIHYDRO-(1,2-DIDEOXY-ALPHA-D-GLUCOPYRANOSO)[2,1-D]-1,3-OXAZOLE 'C8 H14 N O5 1'
SO4 non-polymer 'SULFATE ION' 'O4 S -2'
#
# COMPACT_ATOMS: atom_id res chain seq x y z
N SER A 1 16.51 -28.55 24.34
CA SER A 1 16.17 -27.17 23.87
C SER A 1 17.37 -26.26 24.13
N THR A 2 17.64 -25.32 23.22
CA THR A 2 18.77 -24.43 23.44
C THR A 2 18.37 -23.42 24.49
N ARG A 3 19.29 -23.14 25.40
CA ARG A 3 19.04 -22.23 26.48
C ARG A 3 18.62 -20.85 25.98
N LYS A 4 17.64 -20.26 26.64
CA LYS A 4 17.17 -18.94 26.30
C LYS A 4 18.18 -17.93 26.80
N ALA A 5 18.41 -16.88 26.02
CA ALA A 5 19.35 -15.87 26.44
C ALA A 5 18.68 -15.03 27.53
N VAL A 6 19.49 -14.58 28.48
CA VAL A 6 19.01 -13.72 29.57
C VAL A 6 20.05 -12.60 29.56
N ILE A 7 19.66 -11.49 28.96
CA ILE A 7 20.57 -10.37 28.74
C ILE A 7 20.29 -9.19 29.64
N GLY A 8 21.18 -8.95 30.60
CA GLY A 8 20.96 -7.83 31.48
C GLY A 8 21.93 -6.67 31.32
N TYR A 9 21.40 -5.45 31.31
CA TYR A 9 22.23 -4.28 31.21
C TYR A 9 22.87 -3.94 32.54
N TYR A 10 24.14 -3.57 32.48
CA TYR A 10 24.84 -3.12 33.65
C TYR A 10 25.10 -1.67 33.25
N PHE A 11 24.46 -0.74 33.92
CA PHE A 11 24.66 0.65 33.57
C PHE A 11 25.30 1.41 34.70
N ILE A 12 26.36 2.16 34.38
CA ILE A 12 27.05 2.95 35.38
C ILE A 12 27.43 4.30 34.77
N PRO A 13 27.01 5.41 35.40
CA PRO A 13 27.30 6.79 34.95
C PRO A 13 28.80 7.04 35.02
N THR A 14 29.29 7.95 34.19
CA THR A 14 30.71 8.25 34.20
C THR A 14 31.23 8.59 35.60
N ASN A 15 30.53 9.48 36.30
CA ASN A 15 30.99 9.85 37.64
C ASN A 15 31.06 8.70 38.62
N GLN A 16 30.28 7.65 38.40
CA GLN A 16 30.32 6.51 39.31
C GLN A 16 31.56 5.70 38.97
N ILE A 17 31.88 5.62 37.69
CA ILE A 17 33.09 4.91 37.33
C ILE A 17 34.28 5.67 37.92
N ASN A 18 34.30 6.99 37.74
CA ASN A 18 35.41 7.80 38.25
C ASN A 18 35.56 7.81 39.78
N ASN A 19 34.55 7.30 40.48
CA ASN A 19 34.59 7.24 41.93
C ASN A 19 34.17 5.85 42.39
N TYR A 20 34.38 4.87 41.52
CA TYR A 20 33.98 3.50 41.84
C TYR A 20 34.42 3.01 43.19
N THR A 21 33.49 2.40 43.91
CA THR A 21 33.73 1.83 45.22
C THR A 21 32.68 0.76 45.44
N GLU A 22 33.03 -0.30 46.13
CA GLU A 22 32.05 -1.34 46.35
C GLU A 22 31.63 -1.32 47.78
N THR A 23 32.05 -0.28 48.49
CA THR A 23 31.73 -0.18 49.90
C THR A 23 30.95 1.05 50.32
N ASP A 24 30.44 1.80 49.34
CA ASP A 24 29.63 2.97 49.69
C ASP A 24 28.48 3.15 48.73
N THR A 25 27.36 2.54 49.10
CA THR A 25 26.14 2.57 48.33
C THR A 25 25.65 3.98 47.97
N SER A 26 26.06 4.98 48.74
CA SER A 26 25.64 6.34 48.45
C SER A 26 26.49 6.92 47.32
N VAL A 27 27.51 6.17 46.90
CA VAL A 27 28.35 6.65 45.80
C VAL A 27 28.14 5.74 44.58
N VAL A 28 28.15 4.44 44.82
CA VAL A 28 27.88 3.49 43.74
C VAL A 28 26.81 2.58 44.30
N PRO A 29 25.56 2.85 43.94
CA PRO A 29 24.39 2.09 44.39
C PRO A 29 24.51 0.62 44.02
N PHE A 30 24.99 0.35 42.82
CA PHE A 30 25.10 -1.02 42.37
C PHE A 30 26.44 -1.42 41.79
N PRO A 31 27.42 -1.76 42.65
CA PRO A 31 28.76 -2.17 42.20
C PRO A 31 28.73 -3.59 41.65
N VAL A 32 29.75 -3.93 40.88
CA VAL A 32 29.86 -5.25 40.28
C VAL A 32 29.77 -6.36 41.32
N SER A 33 30.31 -6.12 42.51
CA SER A 33 30.26 -7.15 43.55
C SER A 33 28.82 -7.57 43.90
N ASN A 34 27.81 -6.76 43.57
CA ASN A 34 26.43 -7.14 43.87
C ASN A 34 25.97 -8.27 42.93
N ILE A 35 26.71 -8.52 41.87
CA ILE A 35 26.37 -9.59 40.95
C ILE A 35 27.07 -10.83 41.50
N THR A 36 26.39 -11.51 42.41
CA THR A 36 26.93 -12.70 43.05
C THR A 36 27.08 -13.84 42.02
N PRO A 37 27.85 -14.89 42.37
CA PRO A 37 28.06 -16.02 41.46
C PRO A 37 26.72 -16.57 41.01
N ALA A 38 25.78 -16.63 41.95
CA ALA A 38 24.44 -17.14 41.67
C ALA A 38 23.76 -16.33 40.54
N LYS A 39 23.91 -15.01 40.62
CA LYS A 39 23.31 -14.12 39.62
C LYS A 39 24.07 -14.23 38.29
N ALA A 40 25.39 -14.41 38.38
CA ALA A 40 26.20 -14.52 37.18
C ALA A 40 25.80 -15.77 36.42
N LYS A 41 25.39 -16.80 37.14
CA LYS A 41 24.99 -18.04 36.48
C LYS A 41 23.58 -17.96 35.85
N GLN A 42 22.76 -17.01 36.33
CA GLN A 42 21.40 -16.88 35.80
C GLN A 42 21.38 -15.95 34.57
N LEU A 43 22.50 -15.29 34.30
CA LEU A 43 22.63 -14.41 33.16
C LEU A 43 23.39 -15.17 32.05
N THR A 44 23.17 -14.80 30.78
CA THR A 44 23.97 -15.39 29.69
C THR A 44 24.77 -14.21 29.14
N HIS A 45 24.21 -13.00 29.28
CA HIS A 45 24.88 -11.82 28.80
C HIS A 45 24.67 -10.63 29.72
N ILE A 46 25.71 -9.82 29.85
CA ILE A 46 25.63 -8.60 30.60
C ILE A 46 26.03 -7.52 29.57
N ASN A 47 25.16 -6.54 29.33
CA ASN A 47 25.51 -5.46 28.39
C ASN A 47 26.06 -4.26 29.16
N PHE A 48 27.37 -4.09 29.12
CA PHE A 48 27.99 -2.97 29.83
C PHE A 48 27.58 -1.73 29.04
N SER A 49 27.12 -0.69 29.73
CA SER A 49 26.67 0.50 29.02
C SER A 49 26.98 1.79 29.79
N PHE A 50 27.12 2.93 29.09
CA PHE A 50 27.07 3.05 27.62
C PHE A 50 28.36 3.66 27.10
N LEU A 51 28.79 3.20 25.93
CA LEU A 51 29.93 3.83 25.27
C LEU A 51 29.27 4.71 24.19
N ASP A 52 30.07 5.42 23.41
CA ASP A 52 29.51 6.34 22.42
C ASP A 52 30.33 6.30 21.11
N ILE A 53 30.02 7.19 20.18
CA ILE A 53 30.75 7.32 18.92
C ILE A 53 31.15 8.79 18.98
N ASN A 54 32.45 9.08 19.03
CA ASN A 54 32.91 10.46 19.13
C ASN A 54 32.97 11.21 17.81
N SER A 55 33.49 12.43 17.85
CA SER A 55 33.59 13.30 16.68
C SER A 55 34.58 12.77 15.65
N ASN A 56 35.42 11.83 16.05
CA ASN A 56 36.38 11.22 15.15
C ASN A 56 35.71 9.99 14.48
N LEU A 57 34.42 9.83 14.81
CA LEU A 57 33.57 8.78 14.29
C LEU A 57 34.01 7.36 14.60
N GLU A 58 34.48 7.18 15.83
CA GLU A 58 34.92 5.89 16.32
C GLU A 58 34.26 5.59 17.65
N CYS A 59 34.14 4.30 17.94
CA CYS A 59 33.59 3.88 19.20
C CYS A 59 34.58 4.43 20.24
N ALA A 60 34.08 4.99 21.34
CA ALA A 60 34.95 5.54 22.38
C ALA A 60 34.19 5.74 23.68
N TRP A 61 34.93 5.76 24.78
CA TRP A 61 34.32 5.97 26.08
C TRP A 61 34.06 7.48 26.17
N ASP A 62 33.20 7.86 27.12
CA ASP A 62 32.90 9.26 27.40
C ASP A 62 34.30 9.84 27.67
N PRO A 63 34.66 10.96 27.01
CA PRO A 63 35.98 11.60 27.19
C PRO A 63 36.37 11.87 28.64
N ALA A 64 35.39 12.10 29.48
CA ALA A 64 35.63 12.40 30.89
C ALA A 64 35.89 11.15 31.73
N THR A 65 35.91 9.98 31.09
CA THR A 65 36.11 8.74 31.84
C THR A 65 37.55 8.53 32.33
N ASN A 66 37.71 8.20 33.61
CA ASN A 66 39.05 7.87 34.13
C ASN A 66 39.25 6.43 33.56
N ASP A 67 40.17 6.28 32.61
CA ASP A 67 40.42 4.99 31.95
C ASP A 67 40.77 3.82 32.88
N ALA A 68 41.72 4.04 33.79
CA ALA A 68 42.12 2.99 34.71
C ALA A 68 40.95 2.47 35.53
N LYS A 69 40.11 3.36 36.04
CA LYS A 69 38.97 2.92 36.82
C LYS A 69 37.97 2.17 35.95
N ALA A 70 37.84 2.60 34.69
CA ALA A 70 36.93 1.96 33.77
C ALA A 70 37.39 0.52 33.54
N ARG A 71 38.67 0.34 33.22
CA ARG A 71 39.20 -1.01 32.99
C ARG A 71 38.98 -1.87 34.20
N ASP A 72 39.13 -1.30 35.40
CA ASP A 72 38.93 -2.07 36.62
C ASP A 72 37.47 -2.54 36.77
N VAL A 73 36.53 -1.68 36.43
CA VAL A 73 35.12 -2.08 36.53
C VAL A 73 34.86 -3.20 35.53
N VAL A 74 35.33 -3.03 34.30
CA VAL A 74 35.14 -4.03 33.27
C VAL A 74 35.82 -5.35 33.67
N ASN A 75 37.03 -5.24 34.24
CA ASN A 75 37.73 -6.46 34.67
C ASN A 75 36.91 -7.21 35.71
N ARG A 76 36.27 -6.48 36.63
CA ARG A 76 35.45 -7.12 37.65
C ARG A 76 34.32 -7.90 36.97
N LEU A 77 33.71 -7.31 35.93
CA LEU A 77 32.63 -7.98 35.21
C LEU A 77 33.17 -9.22 34.52
N THR A 78 34.26 -9.06 33.77
CA THR A 78 34.84 -10.21 33.08
C THR A 78 35.23 -11.34 34.04
N ALA A 79 35.57 -11.01 35.27
CA ALA A 79 35.96 -12.02 36.24
C ALA A 79 34.76 -12.91 36.58
N LEU A 80 33.55 -12.38 36.42
CA LEU A 80 32.37 -13.18 36.75
C LEU A 80 32.28 -14.41 35.85
N LYS A 81 32.98 -14.38 34.71
CA LYS A 81 32.96 -15.52 33.80
C LYS A 81 33.46 -16.78 34.50
N ALA A 82 34.21 -16.61 35.58
CA ALA A 82 34.71 -17.77 36.30
C ALA A 82 33.54 -18.62 36.80
N HIS A 83 32.39 -18.01 37.07
CA HIS A 83 31.25 -18.76 37.58
C HIS A 83 30.30 -19.28 36.50
N ASN A 84 30.50 -18.85 35.26
CA ASN A 84 29.58 -19.22 34.20
C ASN A 84 30.28 -19.27 32.86
N PRO A 85 30.64 -20.47 32.40
CA PRO A 85 31.33 -20.55 31.11
C PRO A 85 30.58 -19.99 29.88
N SER A 86 29.28 -19.73 29.99
CA SER A 86 28.55 -19.20 28.83
C SER A 86 28.43 -17.71 28.90
N LEU A 87 28.74 -17.13 30.05
CA LEU A 87 28.62 -15.70 30.22
C LEU A 87 29.43 -14.88 29.23
N ARG A 88 28.81 -13.82 28.74
CA ARG A 88 29.49 -12.89 27.84
C ARG A 88 29.34 -11.48 28.37
N ILE A 89 30.44 -10.73 28.46
CA ILE A 89 30.33 -9.34 28.88
C ILE A 89 30.37 -8.46 27.60
N MET A 90 29.19 -8.06 27.12
CA MET A 90 29.08 -7.21 25.94
C MET A 90 29.23 -5.74 26.37
N PHE A 91 29.44 -4.84 25.40
CA PHE A 91 29.42 -3.42 25.70
C PHE A 91 28.44 -2.81 24.70
N SER A 92 27.68 -1.82 25.18
CA SER A 92 26.68 -1.17 24.36
C SER A 92 27.10 0.23 23.93
N ILE A 93 26.92 0.52 22.65
CA ILE A 93 27.27 1.81 22.10
C ILE A 93 25.97 2.57 21.85
N GLY A 94 25.82 3.74 22.46
CA GLY A 94 24.62 4.50 22.20
C GLY A 94 23.68 4.72 23.35
N GLY A 95 22.42 4.32 23.16
CA GLY A 95 21.42 4.56 24.17
C GLY A 95 20.75 5.86 23.78
N TRP A 96 19.58 6.13 24.37
CA TRP A 96 18.80 7.32 24.08
C TRP A 96 19.55 8.64 24.21
N TYR A 97 20.19 8.85 25.37
CA TYR A 97 20.91 10.09 25.62
C TYR A 97 21.88 10.48 24.50
N TYR A 98 22.82 9.60 24.17
CA TYR A 98 23.79 9.90 23.12
C TYR A 98 23.24 9.96 21.72
N SER A 99 22.40 8.98 21.38
CA SER A 99 21.95 8.87 20.01
C SER A 99 20.57 9.22 19.51
N ASN A 100 19.64 9.72 20.35
CA ASN A 100 18.34 10.04 19.76
C ASN A 100 18.51 11.20 18.76
N ASP A 101 17.50 11.43 17.92
CA ASP A 101 17.58 12.51 16.91
C ASP A 101 18.07 13.85 17.50
N LEU A 102 17.73 14.11 18.75
CA LEU A 102 18.15 15.36 19.38
C LEU A 102 19.22 15.18 20.45
N GLY A 103 19.86 14.00 20.48
CA GLY A 103 20.87 13.73 21.48
C GLY A 103 22.17 14.43 21.18
N VAL A 104 23.08 14.45 22.15
CA VAL A 104 24.36 15.13 21.97
C VAL A 104 25.35 14.57 20.94
N SER A 105 25.30 13.28 20.62
CA SER A 105 26.25 12.76 19.65
C SER A 105 25.59 12.24 18.40
N HIS A 106 24.34 12.58 18.21
CA HIS A 106 23.58 12.07 17.06
C HIS A 106 24.31 12.12 15.73
N ALA A 107 24.90 13.28 15.42
CA ALA A 107 25.63 13.49 14.18
C ALA A 107 26.72 12.44 13.94
N ASN A 108 27.40 12.04 15.01
CA ASN A 108 28.47 11.06 14.89
C ASN A 108 27.97 9.71 14.38
N TYR A 109 26.77 9.32 14.82
CA TYR A 109 26.18 8.07 14.41
C TYR A 109 25.90 8.16 12.91
N VAL A 110 25.17 9.21 12.52
CA VAL A 110 24.84 9.45 11.11
C VAL A 110 26.10 9.46 10.23
N ASN A 111 27.12 10.18 10.69
CA ASN A 111 28.35 10.29 9.93
C ASN A 111 29.24 9.05 9.90
N ALA A 112 29.25 8.25 10.96
CA ALA A 112 30.10 7.07 10.99
C ALA A 112 29.72 5.98 9.97
N VAL A 113 28.42 5.87 9.67
CA VAL A 113 27.95 4.86 8.71
C VAL A 113 27.79 5.37 7.26
N LYS A 114 28.17 6.61 7.04
CA LYS A 114 28.04 7.27 5.73
C LYS A 114 28.77 6.69 4.52
N THR A 115 30.06 6.37 4.66
CA THR A 115 30.84 5.85 3.54
C THR A 115 31.60 4.57 3.83
N PRO A 116 32.02 3.84 2.78
CA PRO A 116 32.78 2.61 2.99
C PRO A 116 33.95 2.88 3.92
N ALA A 117 34.55 4.07 3.80
CA ALA A 117 35.69 4.42 4.63
C ALA A 117 35.32 4.70 6.09
N SER A 118 34.23 5.43 6.29
CA SER A 118 33.78 5.75 7.64
C SER A 118 33.34 4.46 8.32
N ARG A 119 32.61 3.63 7.58
CA ARG A 119 32.15 2.35 8.13
C ARG A 119 33.33 1.46 8.51
N ALA A 120 34.30 1.32 7.62
CA ALA A 120 35.48 0.52 7.93
C ALA A 120 36.17 1.02 9.21
N LYS A 121 36.38 2.33 9.28
CA LYS A 121 37.03 2.94 10.45
C LYS A 121 36.20 2.72 11.73
N PHE A 122 34.89 2.84 11.59
CA PHE A 122 34.02 2.65 12.73
C PHE A 122 34.05 1.19 13.19
N ALA A 123 33.82 0.27 12.26
CA ALA A 123 33.83 -1.16 12.58
C ALA A 123 35.15 -1.56 13.23
N GLN A 124 36.26 -1.02 12.74
CA GLN A 124 37.55 -1.35 13.34
C GLN A 124 37.59 -0.86 14.77
N SER A 125 37.11 0.35 15.02
CA SER A 125 37.15 0.88 16.39
C SER A 125 36.31 0.03 17.36
N CYS A 126 35.20 -0.54 16.89
CA CYS A 126 34.37 -1.38 17.75
C CYS A 126 35.15 -2.63 18.17
N VAL A 127 35.78 -3.29 17.19
CA VAL A 127 36.52 -4.51 17.51
C VAL A 127 37.74 -4.23 18.39
N ARG A 128 38.42 -3.13 18.10
CA ARG A 128 39.60 -2.73 18.86
C ARG A 128 39.18 -2.43 20.32
N ILE A 129 38.11 -1.66 20.49
CA ILE A 129 37.65 -1.38 21.83
C ILE A 129 37.31 -2.72 22.50
N MET A 130 36.63 -3.60 21.77
CA MET A 130 36.23 -4.90 22.32
C MET A 130 37.42 -5.71 22.83
N LYS A 131 38.47 -5.80 22.01
CA LYS A 131 39.67 -6.56 22.38
C LYS A 131 40.47 -5.84 23.46
N ASP A 132 40.57 -4.54 23.35
CA ASP A 132 41.35 -3.80 24.31
C ASP A 132 40.82 -3.89 25.76
N TYR A 133 39.52 -3.76 25.95
CA TYR A 133 38.96 -3.82 27.28
C TYR A 133 38.54 -5.23 27.72
N GLY A 134 38.62 -6.18 26.80
CA GLY A 134 38.26 -7.53 27.15
C GLY A 134 36.79 -7.91 27.04
N PHE A 135 36.00 -7.16 26.26
CA PHE A 135 34.58 -7.48 26.08
C PHE A 135 34.42 -8.70 25.16
N ASP A 136 33.24 -9.32 25.21
CA ASP A 136 32.96 -10.52 24.43
C ASP A 136 32.03 -10.29 23.24
N GLY A 137 31.64 -9.05 23.04
CA GLY A 137 30.75 -8.75 21.93
C GLY A 137 30.41 -7.27 21.87
N VAL A 138 29.79 -6.91 20.75
CA VAL A 138 29.41 -5.53 20.48
C VAL A 138 27.90 -5.41 20.39
N ASP A 139 27.33 -4.44 21.10
CA ASP A 139 25.89 -4.21 21.05
C ASP A 139 25.68 -2.77 20.62
N ILE A 140 24.92 -2.55 19.56
CA ILE A 140 24.70 -1.17 19.11
C ILE A 140 23.28 -0.71 19.40
N ASP A 141 23.20 0.40 20.13
CA ASP A 141 21.94 0.96 20.56
C ASP A 141 21.69 2.35 19.98
N TRP A 142 21.52 2.43 18.66
CA TRP A 142 21.27 3.71 18.02
C TRP A 142 19.76 3.88 17.99
N GLU A 143 19.25 4.90 18.68
CA GLU A 143 17.80 5.13 18.73
C GLU A 143 17.35 6.42 18.02
N TYR A 144 17.17 6.41 16.70
CA TYR A 144 17.30 5.25 15.79
C TYR A 144 17.69 5.78 14.40
N PRO A 145 18.36 4.94 13.58
CA PRO A 145 18.73 5.42 12.24
C PRO A 145 17.45 5.62 11.43
N GLN A 146 17.43 6.67 10.62
CA GLN A 146 16.28 6.97 9.80
C GLN A 146 16.40 6.31 8.44
N ALA A 147 15.29 6.25 7.71
CA ALA A 147 15.23 5.59 6.40
C ALA A 147 16.45 5.77 5.47
N ALA A 148 17.00 6.98 5.39
CA ALA A 148 18.14 7.22 4.52
C ALA A 148 19.47 6.77 5.11
N GLU A 149 19.51 6.58 6.42
CA GLU A 149 20.73 6.17 7.08
C GLU A 149 20.77 4.66 7.25
N VAL A 150 19.68 4.00 6.92
CA VAL A 150 19.56 2.56 7.09
C VAL A 150 20.52 1.69 6.29
N ASP A 151 20.63 1.91 4.97
CA ASP A 151 21.56 1.09 4.17
C ASP A 151 22.96 1.22 4.73
N GLY A 152 23.30 2.40 5.25
CA GLY A 152 24.62 2.62 5.82
C GLY A 152 24.77 1.88 7.15
N PHE A 153 23.69 1.90 7.94
CA PHE A 153 23.69 1.21 9.24
C PHE A 153 23.91 -0.28 8.96
N ILE A 154 23.21 -0.79 7.97
CA ILE A 154 23.33 -2.19 7.59
C ILE A 154 24.74 -2.56 7.13
N ALA A 155 25.35 -1.72 6.29
CA ALA A 155 26.70 -2.02 5.84
C ALA A 155 27.64 -2.06 7.04
N ALA A 156 27.43 -1.14 8.00
CA ALA A 156 28.27 -1.09 9.20
C ALA A 156 28.17 -2.42 9.96
N LEU A 157 26.93 -2.88 10.16
CA LEU A 157 26.71 -4.14 10.86
C LEU A 157 27.38 -5.31 10.13
N GLN A 158 27.28 -5.35 8.81
CA GLN A 158 27.89 -6.43 8.05
C GLN A 158 29.42 -6.39 8.21
N GLU A 159 29.96 -5.18 8.23
CA GLU A 159 31.40 -4.98 8.38
C GLU A 159 31.90 -5.43 9.74
N ILE A 160 31.13 -5.13 10.77
CA ILE A 160 31.52 -5.53 12.11
C ILE A 160 31.44 -7.07 12.22
N ARG A 161 30.41 -7.66 11.61
CA ARG A 161 30.24 -9.10 11.64
C ARG A 161 31.47 -9.77 11.02
N THR A 162 31.89 -9.27 9.86
CA THR A 162 33.06 -9.81 9.18
C THR A 162 34.27 -9.77 10.11
N LEU A 163 34.56 -8.60 10.69
CA LEU A 163 35.70 -8.49 11.58
C LEU A 163 35.58 -9.37 12.84
N LEU A 164 34.37 -9.48 13.39
CA LEU A 164 34.19 -10.29 14.58
C LEU A 164 34.38 -11.76 14.26
N ASN A 165 33.80 -12.22 13.15
CA ASN A 165 33.99 -13.63 12.79
C ASN A 165 35.49 -13.92 12.60
N GLN A 166 36.22 -12.92 12.08
CA GLN A 166 37.66 -13.12 11.90
C GLN A 166 38.34 -13.18 13.26
N GLN A 167 37.98 -12.26 14.14
CA GLN A 167 38.58 -12.25 15.45
C GLN A 167 38.30 -13.56 16.19
N THR A 168 37.10 -14.11 16.00
CA THR A 168 36.75 -15.36 16.66
C THR A 168 37.69 -16.50 16.26
N ILE A 169 38.06 -16.54 14.98
CA ILE A 169 38.99 -17.57 14.50
C ILE A 169 40.37 -17.28 15.09
N THR A 170 40.80 -16.03 14.99
CA THR A 170 42.11 -15.64 15.51
C THR A 170 42.25 -15.88 17.03
N ASP A 171 41.13 -15.83 17.77
CA ASP A 171 41.23 -16.02 19.21
C ASP A 171 40.82 -17.40 19.74
N GLY A 172 40.50 -18.31 18.83
CA GLY A 172 40.11 -19.66 19.22
C GLY A 172 38.79 -19.73 19.96
N ARG A 173 37.90 -18.79 19.67
CA ARG A 173 36.60 -18.71 20.35
C ARG A 173 35.44 -19.42 19.66
N GLN A 174 35.74 -20.45 18.88
CA GLN A 174 34.71 -21.21 18.18
C GLN A 174 33.61 -21.63 19.15
N ALA A 175 33.97 -21.99 20.38
CA ALA A 175 32.97 -22.45 21.34
C ALA A 175 32.14 -21.31 21.94
N LEU A 176 32.68 -20.10 21.92
CA LEU A 176 31.95 -18.95 22.45
C LEU A 176 32.28 -17.75 21.55
N PRO A 177 31.84 -17.79 20.28
CA PRO A 177 32.11 -16.73 19.30
C PRO A 177 31.77 -15.33 19.79
N TYR A 178 32.46 -14.35 19.22
CA TYR A 178 32.18 -12.98 19.57
C TYR A 178 30.79 -12.74 19.00
N GLN A 179 30.00 -11.90 19.64
CA GLN A 179 28.65 -11.66 19.13
C GLN A 179 28.36 -10.20 18.81
N LEU A 180 27.30 -10.03 18.02
CA LEU A 180 26.85 -8.71 17.59
C LEU A 180 25.35 -8.64 17.78
N THR A 181 24.91 -7.62 18.50
CA THR A 181 23.50 -7.42 18.74
C THR A 181 23.15 -5.94 18.71
N ILE A 182 21.87 -5.64 18.58
CA ILE A 182 21.45 -4.25 18.65
C ILE A 182 20.22 -4.25 19.56
N ALA A 183 19.94 -3.06 20.11
CA ALA A 183 18.73 -2.87 20.91
C ALA A 183 17.79 -2.36 19.80
N GLY A 184 16.72 -3.09 19.53
CA GLY A 184 15.80 -2.68 18.48
C GLY A 184 14.56 -1.97 18.99
N ALA A 185 13.93 -1.18 18.15
CA ALA A 185 12.72 -0.50 18.58
C ALA A 185 11.70 -1.56 18.99
N GLY A 186 10.96 -1.30 20.06
CA GLY A 186 9.94 -2.24 20.50
C GLY A 186 8.54 -1.66 20.30
N GLY A 187 8.46 -0.64 19.44
CA GLY A 187 7.22 0.06 19.13
C GLY A 187 7.21 0.46 17.65
N ALA A 188 6.04 0.39 17.03
CA ALA A 188 5.88 0.67 15.60
C ALA A 188 6.40 2.01 15.07
N PHE A 189 6.22 3.08 15.84
CA PHE A 189 6.65 4.40 15.39
C PHE A 189 8.13 4.44 15.06
N PHE A 190 8.96 4.12 16.04
CA PHE A 190 10.39 4.07 15.79
C PHE A 190 10.73 2.91 14.86
N LEU A 191 10.00 1.80 14.98
CA LEU A 191 10.27 0.65 14.14
C LEU A 191 10.08 0.98 12.65
N SER A 192 9.11 1.82 12.34
CA SER A 192 8.84 2.17 10.95
C SER A 192 10.04 2.80 10.24
N ARG A 193 11.05 3.27 10.98
CA ARG A 193 12.20 3.87 10.30
C ARG A 193 13.04 2.90 9.47
N TYR A 194 13.17 1.66 9.90
CA TYR A 194 13.99 0.68 9.19
C TYR A 194 13.28 -0.63 8.93
N TYR A 195 11.99 -0.66 9.25
CA TYR A 195 11.18 -1.86 9.12
C TYR A 195 11.29 -2.57 7.77
N SER A 196 11.23 -1.80 6.70
CA SER A 196 11.30 -2.34 5.34
C SER A 196 12.58 -3.15 5.08
N LYS A 197 13.63 -2.91 5.86
CA LYS A 197 14.88 -3.64 5.67
C LYS A 197 15.22 -4.52 6.89
N LEU A 198 14.20 -4.89 7.66
CA LEU A 198 14.42 -5.69 8.85
C LEU A 198 15.30 -6.91 8.61
N ALA A 199 15.10 -7.62 7.51
CA ALA A 199 15.89 -8.81 7.22
C ALA A 199 17.39 -8.52 7.10
N GLN A 200 17.75 -7.43 6.43
CA GLN A 200 19.15 -7.08 6.27
C GLN A 200 19.77 -6.63 7.58
N ILE A 201 18.98 -5.99 8.43
CA ILE A 201 19.48 -5.53 9.72
C ILE A 201 19.76 -6.72 10.66
N VAL A 202 18.85 -7.69 10.65
CA VAL A 202 18.96 -8.85 11.51
C VAL A 202 19.98 -9.89 11.04
N ALA A 203 20.21 -9.97 9.72
CA ALA A 203 21.13 -10.97 9.20
C ALA A 203 22.49 -10.99 9.89
N PRO A 204 23.15 -9.83 10.04
CA PRO A 204 24.44 -9.94 10.71
C PRO A 204 24.46 -10.06 12.23
N LEU A 205 23.28 -10.13 12.86
CA LEU A 205 23.18 -10.20 14.31
C LEU A 205 22.94 -11.57 14.91
N ASP A 206 23.41 -11.73 16.13
CA ASP A 206 23.16 -12.94 16.87
C ASP A 206 21.74 -12.77 17.46
N TYR A 207 21.45 -11.56 17.93
CA TYR A 207 20.13 -11.23 18.50
C TYR A 207 19.71 -9.77 18.25
N ILE A 208 18.40 -9.53 18.14
CA ILE A 208 17.89 -8.17 18.07
C ILE A 208 17.06 -8.09 19.36
N ASN A 209 17.52 -7.25 20.29
CA ASN A 209 16.87 -7.11 21.60
C ASN A 209 15.82 -5.99 21.56
N LEU A 210 14.55 -6.39 21.49
CA LEU A 210 13.47 -5.41 21.37
C LEU A 210 13.25 -4.65 22.65
N MET A 211 13.25 -3.33 22.55
CA MET A 211 13.01 -2.49 23.72
C MET A 211 11.49 -2.43 23.89
N THR A 212 10.89 -3.55 24.27
CA THR A 212 9.46 -3.62 24.45
C THR A 212 9.04 -3.12 25.82
N TYR A 213 9.26 -1.83 26.01
CA TYR A 213 8.93 -1.12 27.22
C TYR A 213 8.92 0.37 26.89
N ASP A 214 8.60 1.21 27.87
CA ASP A 214 8.48 2.64 27.57
C ASP A 214 7.37 2.81 26.50
N LEU A 215 6.43 1.87 26.45
CA LEU A 215 5.34 1.96 25.49
C LEU A 215 4.21 2.85 26.02
N ALA A 216 4.47 3.47 27.17
CA ALA A 216 3.55 4.40 27.82
C ALA A 216 4.44 5.36 28.61
N GLY A 217 3.97 6.56 28.85
CA GLY A 217 4.78 7.52 29.59
C GLY A 217 4.12 8.88 29.74
N PRO A 218 4.67 9.75 30.60
CA PRO A 218 4.15 11.10 30.86
C PRO A 218 4.00 11.97 29.62
N TRP A 219 4.69 11.60 28.53
CA TRP A 219 4.58 12.35 27.29
C TRP A 219 3.27 12.03 26.58
N GLU A 220 2.61 10.95 26.99
CA GLU A 220 1.33 10.62 26.38
C GLU A 220 0.24 11.26 27.24
N LYS A 221 -0.88 11.60 26.61
CA LYS A 221 -2.02 12.22 27.27
C LYS A 221 -2.73 11.31 28.28
N VAL A 222 -2.81 10.02 28.00
CA VAL A 222 -3.48 9.13 28.93
C VAL A 222 -2.57 8.05 29.52
N THR A 223 -2.71 7.81 30.83
CA THR A 223 -1.89 6.81 31.50
C THR A 223 -2.16 5.45 30.86
N ASN A 224 -1.16 4.57 30.90
CA ASN A 224 -1.28 3.24 30.30
C ASN A 224 -0.12 2.36 30.76
N HIS A 225 -0.23 1.07 30.48
CA HIS A 225 0.82 0.13 30.82
C HIS A 225 1.96 0.34 29.83
N GLN A 226 3.17 0.47 30.34
CA GLN A 226 4.34 0.68 29.49
C GLN A 226 4.89 -0.58 28.85
N ALA A 227 4.44 -1.75 29.32
CA ALA A 227 4.91 -3.00 28.72
C ALA A 227 3.84 -4.09 28.75
N ALA A 228 2.63 -3.73 28.34
CA ALA A 228 1.55 -4.72 28.32
C ALA A 228 1.92 -5.86 27.36
N LEU A 229 1.69 -7.11 27.76
CA LEU A 229 1.99 -8.24 26.85
C LEU A 229 0.94 -8.28 25.74
N PHE A 230 -0.34 -8.25 26.11
CA PHE A 230 -1.45 -8.24 25.15
C PHE A 230 -2.29 -6.99 25.34
N GLY A 231 -3.22 -6.73 24.42
CA GLY A 231 -3.99 -5.52 24.52
C GLY A 231 -5.22 -5.56 25.40
N ASP A 232 -5.61 -4.37 25.87
CA ASP A 232 -6.82 -4.21 26.68
C ASP A 232 -7.70 -3.26 25.85
N ALA A 233 -8.87 -3.75 25.44
CA ALA A 233 -9.80 -2.93 24.63
C ALA A 233 -10.21 -1.64 25.33
N ALA A 234 -10.13 -1.60 26.65
CA ALA A 234 -10.51 -0.40 27.38
C ALA A 234 -9.36 0.60 27.35
N GLY A 235 -8.19 0.17 26.88
CA GLY A 235 -7.04 1.05 26.87
C GLY A 235 -6.88 1.85 25.60
N PRO A 236 -5.93 2.78 25.56
CA PRO A 236 -5.76 3.57 24.34
C PRO A 236 -5.29 2.71 23.16
N THR A 237 -5.47 3.19 21.94
CA THR A 237 -5.01 2.46 20.76
C THR A 237 -4.21 3.45 19.96
N PHE A 238 -3.36 2.95 19.07
CA PHE A 238 -2.48 3.82 18.30
C PHE A 238 -2.48 3.59 16.82
N TYR A 239 -2.08 4.63 16.08
CA TYR A 239 -1.96 4.61 14.63
C TYR A 239 -0.82 3.63 14.29
N ASN A 240 -1.05 2.70 13.37
CA ASN A 240 -0.02 1.73 13.00
C ASN A 240 0.92 2.36 11.98
N ALA A 241 1.98 2.99 12.49
CA ALA A 241 2.95 3.66 11.66
C ALA A 241 3.54 2.77 10.56
N LEU A 242 3.57 1.46 10.79
CA LEU A 242 4.16 0.56 9.81
C LEU A 242 3.49 0.59 8.44
N ARG A 243 2.19 0.87 8.38
CA ARG A 243 1.53 0.88 7.07
C ARG A 243 2.07 1.99 6.14
N GLU A 244 2.84 2.92 6.71
CA GLU A 244 3.45 4.02 5.97
C GLU A 244 4.93 3.80 5.65
N ALA A 245 5.46 2.63 5.99
CA ALA A 245 6.87 2.32 5.72
C ALA A 245 7.04 2.06 4.21
N ASN A 246 8.24 2.35 3.70
CA ASN A 246 8.52 2.19 2.27
C ASN A 246 8.62 0.71 1.92
N LEU A 247 7.48 0.05 1.86
CA LEU A 247 7.44 -1.37 1.58
C LEU A 247 7.16 -1.77 0.13
N GLY A 248 6.46 -0.92 -0.60
CA GLY A 248 6.11 -1.25 -1.97
C GLY A 248 4.95 -2.23 -2.02
N TRP A 249 4.23 -2.42 -0.91
CA TRP A 249 3.12 -3.37 -0.88
C TRP A 249 1.80 -2.74 -1.36
N SER A 250 0.82 -3.59 -1.68
CA SER A 250 -0.49 -3.09 -2.13
C SER A 250 -1.39 -2.68 -0.96
N TRP A 251 -2.49 -2.01 -1.27
CA TRP A 251 -3.39 -1.62 -0.21
C TRP A 251 -3.75 -2.83 0.63
N GLU A 252 -4.19 -3.90 -0.05
CA GLU A 252 -4.59 -5.13 0.64
C GLU A 252 -3.49 -5.69 1.51
N GLU A 253 -2.28 -5.75 0.98
CA GLU A 253 -1.16 -6.29 1.75
C GLU A 253 -0.87 -5.43 2.98
N LEU A 254 -0.83 -4.12 2.79
CA LEU A 254 -0.57 -3.21 3.87
C LEU A 254 -1.65 -3.32 4.95
N THR A 255 -2.90 -3.29 4.52
CA THR A 255 -4.00 -3.36 5.45
C THR A 255 -4.05 -4.62 6.28
N ARG A 256 -3.79 -5.77 5.68
CA ARG A 256 -3.85 -7.02 6.44
C ARG A 256 -2.64 -7.25 7.35
N ALA A 257 -1.53 -6.60 7.07
CA ALA A 257 -0.36 -6.77 7.92
C ALA A 257 -0.35 -5.74 9.04
N PHE A 258 -0.96 -4.59 8.77
CA PHE A 258 -0.94 -3.47 9.70
C PHE A 258 -2.28 -2.89 10.13
N PRO A 259 -3.08 -3.64 10.91
CA PRO A 259 -4.36 -3.05 11.33
C PRO A 259 -4.09 -1.77 12.12
N SER A 260 -4.95 -0.77 11.92
CA SER A 260 -4.80 0.51 12.60
C SER A 260 -6.21 1.05 12.91
N PRO A 261 -6.42 1.59 14.11
CA PRO A 261 -5.40 1.69 15.16
C PRO A 261 -5.19 0.31 15.78
N PHE A 262 -4.17 0.18 16.63
CA PHE A 262 -3.90 -1.12 17.27
C PHE A 262 -3.39 -0.91 18.69
N SER A 263 -3.25 -2.00 19.44
CA SER A 263 -2.73 -1.93 20.80
C SER A 263 -1.22 -2.07 20.80
N LEU A 264 -0.55 -1.04 21.29
CA LEU A 264 0.91 -0.96 21.39
C LEU A 264 1.33 -1.86 22.56
N THR A 265 1.65 -3.11 22.24
CA THR A 265 2.01 -4.12 23.21
C THR A 265 3.28 -4.86 22.85
N VAL A 266 3.78 -5.65 23.80
CA VAL A 266 4.98 -6.45 23.58
C VAL A 266 4.68 -7.45 22.47
N ASP A 267 3.51 -8.08 22.53
CA ASP A 267 3.10 -9.03 21.50
C ASP A 267 3.09 -8.39 20.11
N ALA A 268 2.64 -7.14 20.04
CA ALA A 268 2.61 -6.45 18.74
C ALA A 268 4.02 -6.33 18.14
N ALA A 269 4.98 -5.91 18.95
CA ALA A 269 6.33 -5.74 18.42
C ALA A 269 6.91 -7.05 17.95
N VAL A 270 6.71 -8.11 18.74
CA VAL A 270 7.24 -9.41 18.36
C VAL A 270 6.59 -9.92 17.07
N GLN A 271 5.27 -9.83 17.01
CA GLN A 271 4.55 -10.31 15.85
C GLN A 271 4.87 -9.46 14.64
N GLN A 272 5.11 -8.17 14.84
CA GLN A 272 5.43 -7.33 13.67
C GLN A 272 6.77 -7.76 13.09
N HIS A 273 7.70 -8.15 13.97
CA HIS A 273 9.00 -8.63 13.49
C HIS A 273 8.87 -9.96 12.76
N LEU A 274 8.03 -10.85 13.28
CA LEU A 274 7.84 -12.17 12.68
C LEU A 274 7.08 -12.12 11.37
N MET A 275 6.41 -10.99 11.08
CA MET A 275 5.68 -10.86 9.83
C MET A 275 6.60 -10.71 8.63
N MET A 276 7.84 -10.33 8.87
CA MET A 276 8.77 -10.13 7.78
C MET A 276 9.55 -11.38 7.46
N GLU A 277 9.79 -11.60 6.17
CA GLU A 277 10.55 -12.76 5.75
C GLU A 277 11.98 -12.57 6.19
N GLY A 278 12.67 -13.67 6.48
CA GLY A 278 14.05 -13.59 6.88
C GLY A 278 14.35 -13.05 8.27
N VAL A 279 13.38 -13.09 9.18
CA VAL A 279 13.60 -12.62 10.54
C VAL A 279 13.23 -13.82 11.39
N PRO A 280 14.23 -14.66 11.70
CA PRO A 280 14.04 -15.88 12.50
C PRO A 280 13.67 -15.58 13.96
N SER A 281 12.64 -16.26 14.45
CA SER A 281 12.18 -16.03 15.81
C SER A 281 13.31 -16.20 16.83
N ALA A 282 14.18 -17.18 16.58
CA ALA A 282 15.31 -17.44 17.48
C ALA A 282 16.26 -16.25 17.70
N LYS A 283 16.23 -15.26 16.81
CA LYS A 283 17.10 -14.09 16.99
C LYS A 283 16.35 -12.96 17.72
N ILE A 284 15.03 -13.08 17.84
CA ILE A 284 14.21 -12.08 18.51
C ILE A 284 14.27 -12.26 20.02
N VAL A 285 14.67 -11.21 20.72
CA VAL A 285 14.75 -11.26 22.17
C VAL A 285 13.79 -10.21 22.75
N MET A 286 13.00 -10.61 23.73
CA MET A 286 12.05 -9.71 24.36
C MET A 286 12.62 -8.90 25.50
N GLY A 287 12.63 -7.59 25.34
CA GLY A 287 13.14 -6.76 26.42
C GLY A 287 12.07 -6.56 27.49
N VAL A 288 12.47 -6.55 28.75
CA VAL A 288 11.52 -6.28 29.85
C VAL A 288 12.14 -5.23 30.76
N PRO A 289 11.31 -4.47 31.46
CA PRO A 289 11.79 -3.42 32.35
C PRO A 289 11.83 -3.83 33.83
N PHE A 290 12.91 -3.44 34.50
CA PHE A 290 13.05 -3.74 35.93
C PHE A 290 12.70 -2.45 36.67
N TYR A 291 11.89 -1.60 36.01
CA TYR A 291 11.47 -0.32 36.58
C TYR A 291 10.06 0.01 36.13
N GLY A 292 9.41 0.90 36.88
CA GLY A 292 8.06 1.32 36.54
C GLY A 292 8.04 2.82 36.23
N ARG A 293 6.97 3.27 35.60
CA ARG A 293 6.78 4.68 35.27
C ARG A 293 5.59 5.19 36.08
N ALA A 294 5.75 6.35 36.71
CA ALA A 294 4.71 6.93 37.55
C ALA A 294 4.10 8.23 37.02
N PHE A 295 2.81 8.39 37.27
CA PHE A 295 2.06 9.58 36.82
C PHE A 295 1.29 10.13 38.04
N LYS A 296 1.09 11.45 38.07
CA LYS A 296 0.33 12.08 39.15
C LYS A 296 -0.90 12.75 38.55
N GLY A 297 -1.86 13.14 39.38
CA GLY A 297 -3.05 13.80 38.90
C GLY A 297 -4.00 12.91 38.13
N VAL A 298 -4.03 11.62 38.48
CA VAL A 298 -4.89 10.67 37.79
C VAL A 298 -6.24 10.62 38.52
N SER A 299 -7.25 10.15 37.81
CA SER A 299 -8.61 10.04 38.33
C SER A 299 -8.95 8.60 38.70
N GLY A 300 -10.06 8.44 39.40
CA GLY A 300 -10.46 7.10 39.82
C GLY A 300 -11.43 6.50 38.84
N GLY A 301 -11.70 5.21 38.99
CA GLY A 301 -12.63 4.55 38.08
C GLY A 301 -12.05 3.28 37.51
N ASN A 302 -10.79 3.34 37.07
CA ASN A 302 -10.11 2.17 36.51
C ASN A 302 -8.78 2.02 37.24
N GLY A 303 -8.76 2.34 38.53
CA GLY A 303 -7.52 2.21 39.29
C GLY A 303 -6.36 3.03 38.73
N GLY A 304 -6.66 4.17 38.12
CA GLY A 304 -5.58 4.98 37.59
C GLY A 304 -5.22 4.73 36.14
N GLN A 305 -5.68 3.62 35.56
CA GLN A 305 -5.38 3.31 34.16
C GLN A 305 -6.24 4.15 33.22
N TYR A 306 -5.69 4.48 32.05
CA TYR A 306 -6.43 5.21 31.03
C TYR A 306 -7.06 6.51 31.50
N SER A 307 -6.32 7.23 32.33
CA SER A 307 -6.78 8.50 32.86
C SER A 307 -5.92 9.67 32.38
N SER A 308 -6.51 10.87 32.40
CA SER A 308 -5.74 12.06 32.06
C SER A 308 -4.86 12.22 33.30
N HIS A 309 -3.80 13.02 33.20
CA HIS A 309 -2.89 13.23 34.32
C HIS A 309 -2.20 14.59 34.21
N SER A 310 -1.41 14.94 35.21
CA SER A 310 -0.74 16.22 35.22
C SER A 310 0.77 16.04 35.38
N THR A 311 1.31 15.00 34.75
CA THR A 311 2.73 14.71 34.87
C THR A 311 3.55 15.34 33.77
N PRO A 312 4.60 16.08 34.11
CA PRO A 312 5.44 16.72 33.08
C PRO A 312 6.12 15.58 32.31
N GLY A 313 6.17 15.72 30.99
CA GLY A 313 6.77 14.70 30.15
C GLY A 313 8.18 15.01 29.66
N GLU A 314 8.69 16.21 29.91
CA GLU A 314 10.02 16.58 29.43
C GLU A 314 11.19 16.00 30.21
N ASP A 315 12.37 16.00 29.58
CA ASP A 315 13.63 15.56 30.19
C ASP A 315 14.57 16.77 30.09
N PRO A 316 15.22 17.15 31.21
CA PRO A 316 15.08 16.53 32.53
C PRO A 316 13.77 16.94 33.20
N TYR A 317 13.42 16.25 34.29
CA TYR A 317 12.20 16.54 35.05
C TYR A 317 12.23 18.05 35.35
N PRO A 318 11.37 18.82 34.67
CA PRO A 318 11.23 20.28 34.78
C PRO A 318 10.64 20.82 36.07
N SER A 319 10.99 20.23 37.20
CA SER A 319 10.45 20.64 38.50
C SER A 319 11.28 20.06 39.64
N THR A 320 11.02 20.51 40.86
CA THR A 320 11.73 20.00 42.05
C THR A 320 10.74 19.36 43.03
N ASP A 321 9.52 19.13 42.56
CA ASP A 321 8.50 18.52 43.38
C ASP A 321 8.59 17.01 43.22
N TYR A 322 9.05 16.33 44.26
CA TYR A 322 9.17 14.87 44.24
C TYR A 322 7.97 14.26 44.90
N TRP A 323 6.92 14.12 44.09
CA TRP A 323 5.62 13.63 44.53
C TRP A 323 5.35 12.13 44.58
N LEU A 324 6.34 11.30 44.26
CA LEU A 324 6.08 9.86 44.32
C LEU A 324 6.35 9.41 45.76
N VAL A 325 5.29 9.45 46.55
CA VAL A 325 5.36 9.10 47.98
C VAL A 325 6.15 7.84 48.28
N GLY A 326 7.09 7.97 49.21
CA GLY A 326 7.91 6.86 49.64
C GLY A 326 9.06 6.49 48.71
N CYS A 327 9.19 7.17 47.58
CA CYS A 327 10.26 6.85 46.65
C CYS A 327 11.55 7.61 46.94
N GLU A 328 12.34 7.12 47.90
CA GLU A 328 13.60 7.76 48.28
C GLU A 328 14.57 7.88 47.10
N GLU A 329 14.68 6.79 46.35
CA GLU A 329 15.54 6.75 45.18
C GLU A 329 15.16 7.89 44.22
N CYS A 330 13.87 8.19 44.13
CA CYS A 330 13.44 9.27 43.25
C CYS A 330 13.97 10.62 43.73
N VAL A 331 14.10 10.79 45.03
CA VAL A 331 14.60 12.06 45.54
C VAL A 331 16.08 12.18 45.17
N ARG A 332 16.86 11.13 45.38
CA ARG A 332 18.28 11.19 45.03
C ARG A 332 18.47 11.36 43.51
N ASP A 333 17.57 10.81 42.71
CA ASP A 333 17.71 10.95 41.26
C ASP A 333 16.94 12.14 40.69
N LYS A 334 16.27 12.86 41.59
CA LYS A 334 15.49 14.04 41.23
C LYS A 334 14.45 13.81 40.14
N ASP A 335 13.70 12.73 40.25
CA ASP A 335 12.68 12.42 39.24
C ASP A 335 11.68 11.45 39.83
N PRO A 336 10.46 11.91 40.08
CA PRO A 336 9.45 11.02 40.65
C PRO A 336 8.71 10.16 39.61
N ARG A 337 9.07 10.30 38.34
CA ARG A 337 8.42 9.58 37.25
C ARG A 337 8.91 8.15 36.93
N ILE A 338 10.05 7.78 37.49
CA ILE A 338 10.61 6.44 37.27
C ILE A 338 11.10 5.89 38.59
N ALA A 339 10.91 4.59 38.81
CA ALA A 339 11.33 3.96 40.06
C ALA A 339 11.67 2.49 39.80
N SER A 340 12.79 2.06 40.36
CA SER A 340 13.24 0.68 40.20
C SER A 340 12.25 -0.27 40.87
N TYR A 341 12.25 -1.51 40.41
CA TYR A 341 11.38 -2.50 41.00
C TYR A 341 11.79 -2.61 42.47
N ARG A 342 13.08 -2.42 42.75
CA ARG A 342 13.56 -2.53 44.14
C ARG A 342 12.85 -1.51 45.04
N GLN A 343 12.77 -0.29 44.53
CA GLN A 343 12.14 0.78 45.28
C GLN A 343 10.63 0.59 45.36
N LEU A 344 10.03 0.11 44.29
CA LEU A 344 8.60 -0.09 44.26
C LEU A 344 8.20 -1.17 45.24
N GLU A 345 9.01 -2.23 45.32
CA GLU A 345 8.73 -3.33 46.23
C GLU A 345 8.72 -2.80 47.67
N GLN A 346 9.62 -1.87 47.97
CA GLN A 346 9.69 -1.28 49.31
C GLN A 346 8.52 -0.31 49.56
N MET A 347 8.16 0.44 48.53
CA MET A 347 7.04 1.37 48.68
C MET A 347 5.76 0.59 48.94
N LEU A 348 5.61 -0.52 48.23
CA LEU A 348 4.42 -1.33 48.35
C LEU A 348 4.21 -1.88 49.74
N GLN A 349 5.29 -2.35 50.35
CA GLN A 349 5.18 -2.93 51.67
C GLN A 349 5.39 -1.96 52.82
N GLY A 350 5.54 -0.67 52.52
CA GLY A 350 5.78 0.32 53.57
C GLY A 350 4.60 1.18 54.00
N ASN A 351 3.37 0.72 53.76
CA ASN A 351 2.18 1.50 54.16
C ASN A 351 2.21 2.95 53.67
N TYR A 352 2.45 3.15 52.38
CA TYR A 352 2.50 4.48 51.83
C TYR A 352 1.22 4.87 51.11
N GLY A 353 0.27 3.96 51.01
CA GLY A 353 -0.99 4.28 50.34
C GLY A 353 -1.21 3.67 48.98
N TYR A 354 -0.29 2.83 48.52
CA TYR A 354 -0.40 2.20 47.21
C TYR A 354 -1.18 0.89 47.28
N GLN A 355 -1.98 0.67 46.26
CA GLN A 355 -2.70 -0.58 46.15
C GLN A 355 -2.19 -1.28 44.87
N ARG A 356 -1.72 -2.51 45.00
CA ARG A 356 -1.24 -3.24 43.83
C ARG A 356 -2.43 -3.89 43.14
N LEU A 357 -2.61 -3.58 41.86
CA LEU A 357 -3.70 -4.15 41.12
C LEU A 357 -3.14 -4.94 39.95
N TRP A 358 -3.99 -5.74 39.30
CA TRP A 358 -3.54 -6.60 38.21
C TRP A 358 -4.48 -6.54 37.02
N ASN A 359 -3.92 -6.33 35.83
CA ASN A 359 -4.73 -6.30 34.64
C ASN A 359 -4.53 -7.64 33.96
N ASP A 360 -5.59 -8.44 33.96
CA ASP A 360 -5.51 -9.78 33.41
C ASP A 360 -5.60 -9.87 31.88
N LYS A 361 -5.78 -8.73 31.20
CA LYS A 361 -5.80 -8.72 29.73
C LYS A 361 -4.34 -8.48 29.35
N THR A 362 -3.75 -7.41 29.89
CA THR A 362 -2.37 -7.04 29.61
C THR A 362 -1.37 -7.95 30.33
N LYS A 363 -1.86 -8.63 31.37
CA LYS A 363 -1.03 -9.51 32.21
C LYS A 363 0.13 -8.75 32.82
N THR A 364 -0.15 -7.57 33.35
CA THR A 364 0.85 -6.75 34.01
C THR A 364 0.26 -6.12 35.28
N PRO A 365 1.10 -5.82 36.28
CA PRO A 365 0.60 -5.22 37.52
C PRO A 365 0.64 -3.69 37.45
N TYR A 366 -0.02 -3.04 38.41
CA TYR A 366 0.03 -1.60 38.48
C TYR A 366 -0.31 -1.15 39.88
N LEU A 367 0.15 0.05 40.22
CA LEU A 367 -0.11 0.62 41.53
C LEU A 367 -1.03 1.82 41.41
N TYR A 368 -1.90 1.99 42.40
CA TYR A 368 -2.83 3.10 42.39
C TYR A 368 -2.81 3.70 43.78
N HIS A 369 -2.55 5.00 43.85
CA HIS A 369 -2.53 5.70 45.14
C HIS A 369 -3.79 6.53 45.07
N ALA A 370 -4.85 6.04 45.69
CA ALA A 370 -6.13 6.72 45.66
C ALA A 370 -6.09 8.06 46.36
N GLN A 371 -5.38 8.15 47.48
CA GLN A 371 -5.34 9.41 48.20
C GLN A 371 -4.68 10.57 47.43
N ASN A 372 -3.57 10.29 46.76
CA ASN A 372 -2.87 11.33 46.04
C ASN A 372 -3.10 11.36 44.52
N GLY A 373 -3.77 10.34 43.98
CA GLY A 373 -4.00 10.31 42.55
C GLY A 373 -2.76 9.95 41.75
N LEU A 374 -2.10 8.87 42.14
CA LEU A 374 -0.90 8.41 41.44
C LEU A 374 -1.17 7.03 40.80
N PHE A 375 -0.54 6.79 39.67
CA PHE A 375 -0.65 5.54 38.93
C PHE A 375 0.76 5.16 38.54
N VAL A 376 1.11 3.90 38.72
CA VAL A 376 2.44 3.42 38.36
C VAL A 376 2.30 2.15 37.52
N THR A 377 2.90 2.12 36.33
CA THR A 377 2.87 0.90 35.54
C THR A 377 4.25 0.27 35.73
N TYR A 378 4.30 -1.02 36.01
CA TYR A 378 5.59 -1.69 36.19
C TYR A 378 5.43 -3.17 35.92
N ASP A 379 6.54 -3.92 36.02
CA ASP A 379 6.50 -5.37 35.81
C ASP A 379 7.06 -6.08 37.04
N ASP A 380 6.64 -7.33 37.26
CA ASP A 380 7.15 -8.08 38.40
C ASP A 380 7.31 -9.56 38.07
N ALA A 381 7.57 -10.37 39.10
CA ALA A 381 7.77 -11.79 38.88
C ALA A 381 6.53 -12.47 38.29
N GLU A 382 5.34 -11.92 38.56
CA GLU A 382 4.13 -12.52 38.02
C GLU A 382 3.97 -12.18 36.53
N SER A 383 4.16 -10.91 36.16
CA SER A 383 4.02 -10.58 34.75
C SER A 383 5.12 -11.33 33.99
N PHE A 384 6.24 -11.61 34.64
CA PHE A 384 7.32 -12.32 33.95
C PHE A 384 6.99 -13.80 33.65
N LYS A 385 6.02 -14.38 34.37
CA LYS A 385 5.63 -15.76 34.10
C LYS A 385 4.99 -15.83 32.70
N TYR A 386 4.14 -14.85 32.38
CA TYR A 386 3.49 -14.85 31.07
C TYR A 386 4.49 -14.50 29.97
N LYS A 387 5.32 -13.50 30.23
CA LYS A 387 6.30 -13.11 29.22
C LYS A 387 7.24 -14.27 28.94
N ALA A 388 7.60 -15.01 29.99
CA ALA A 388 8.51 -16.15 29.83
C ALA A 388 7.80 -17.26 29.05
N LYS A 389 6.53 -17.49 29.35
CA LYS A 389 5.82 -18.53 28.62
C LYS A 389 5.69 -18.11 27.15
N TYR A 390 5.41 -16.83 26.89
CA TYR A 390 5.30 -16.34 25.50
C TYR A 390 6.61 -16.55 24.76
N ILE A 391 7.71 -16.24 25.44
CA ILE A 391 9.02 -16.38 24.82
C ILE A 391 9.29 -17.83 24.41
N LYS A 392 8.82 -18.77 25.22
CA LYS A 392 8.98 -20.18 24.92
C LYS A 392 8.04 -20.61 23.80
N GLN A 393 6.77 -20.25 23.92
CA GLN A 393 5.78 -20.61 22.92
C GLN A 393 6.12 -20.06 21.55
N GLN A 394 6.57 -18.81 21.49
CA GLN A 394 6.90 -18.17 20.21
C GLN A 394 8.30 -18.52 19.74
N GLN A 395 9.01 -19.35 20.50
CA GLN A 395 10.35 -19.76 20.09
C GLN A 395 11.29 -18.57 19.87
N LEU A 396 11.23 -17.63 20.79
CA LEU A 396 12.08 -16.44 20.73
C LEU A 396 13.44 -16.79 21.31
N GLY A 397 14.44 -15.97 21.01
CA GLY A 397 15.77 -16.25 21.50
C GLY A 397 15.94 -16.06 22.99
N GLY A 398 15.07 -15.28 23.61
CA GLY A 398 15.23 -15.07 25.04
C GLY A 398 14.71 -13.73 25.56
N VAL A 399 15.29 -13.29 26.65
CA VAL A 399 14.85 -12.06 27.29
C VAL A 399 16.00 -11.10 27.53
N MET A 400 15.69 -9.83 27.63
CA MET A 400 16.71 -8.80 27.88
C MET A 400 16.06 -7.86 28.86
N PHE A 401 16.86 -7.15 29.65
CA PHE A 401 16.26 -6.24 30.59
C PHE A 401 17.14 -5.10 31.00
N TRP A 402 16.48 -4.01 31.36
CA TRP A 402 17.10 -2.78 31.81
C TRP A 402 16.51 -2.47 33.19
N HIS A 403 17.34 -2.44 34.25
CA HIS A 403 18.75 -2.85 34.19
C HIS A 403 19.07 -3.55 35.53
N LEU A 404 20.21 -4.24 35.61
CA LEU A 404 20.59 -4.97 36.80
C LEU A 404 20.48 -4.28 38.15
N GLY A 405 20.83 -2.98 38.20
CA GLY A 405 20.78 -2.29 39.47
C GLY A 405 19.38 -2.01 40.00
N GLN A 406 18.36 -2.29 39.19
CA GLN A 406 16.99 -2.02 39.61
C GLN A 406 16.25 -3.24 40.18
N ASP A 407 16.90 -4.39 40.12
CA ASP A 407 16.33 -5.64 40.68
C ASP A 407 16.43 -5.46 42.19
N ASN A 408 15.70 -6.25 42.99
CA ASN A 408 15.84 -6.03 44.42
C ASN A 408 17.17 -6.59 44.86
N ARG A 409 17.55 -6.38 46.11
CA ARG A 409 18.85 -6.85 46.58
C ARG A 409 19.04 -8.36 46.46
N ASN A 410 17.96 -9.13 46.48
CA ASN A 410 18.08 -10.59 46.36
C ASN A 410 18.09 -11.08 44.90
N GLY A 411 17.92 -10.14 43.94
CA GLY A 411 17.91 -10.48 42.53
C GLY A 411 16.73 -11.36 42.12
N ASP A 412 15.58 -11.14 42.76
CA ASP A 412 14.38 -11.91 42.51
C ASP A 412 13.85 -11.88 41.08
N LEU A 413 13.91 -10.72 40.42
CA LEU A 413 13.42 -10.65 39.05
C LEU A 413 14.31 -11.52 38.15
N LEU A 414 15.62 -11.36 38.26
CA LEU A 414 16.51 -12.19 37.45
C LEU A 414 16.26 -13.65 37.78
N ALA A 415 16.17 -13.97 39.06
CA ALA A 415 15.94 -15.35 39.47
C ALA A 415 14.65 -15.91 38.87
N ALA A 416 13.59 -15.10 38.82
CA ALA A 416 12.32 -15.56 38.26
C ALA A 416 12.47 -15.90 36.78
N LEU A 417 13.12 -15.02 36.03
CA LEU A 417 13.33 -15.26 34.60
C LEU A 417 14.09 -16.56 34.41
N ASP A 418 15.17 -16.74 35.18
CA ASP A 418 15.95 -17.96 35.07
C ASP A 418 15.15 -19.22 35.43
N ARG A 419 14.31 -19.10 36.44
CA ARG A 419 13.45 -20.19 36.88
C ARG A 419 12.46 -20.58 35.79
N TYR A 420 11.80 -19.57 35.20
CA TYR A 420 10.80 -19.85 34.19
C TYR A 420 11.33 -20.54 32.98
N PHE A 421 12.61 -20.32 32.70
CA PHE A 421 13.21 -20.96 31.54
C PHE A 421 13.90 -22.28 31.87
N ASN A 422 14.53 -22.34 33.04
CA ASN A 422 15.36 -23.48 33.38
C ASN A 422 15.08 -24.38 34.57
N ALA A 423 14.21 -23.97 35.50
CA ALA A 423 14.01 -24.82 36.68
C ALA A 423 13.24 -26.09 36.33
N ALA A 424 13.82 -27.22 36.70
CA ALA A 424 13.20 -28.50 36.43
C ALA A 424 11.91 -28.69 37.24
N ASP A 425 11.74 -27.93 38.31
CA ASP A 425 10.53 -28.08 39.10
C ASP A 425 9.50 -26.96 38.93
N TYR A 426 9.68 -26.14 37.90
CA TYR A 426 8.73 -25.07 37.59
C TYR A 426 7.91 -25.57 36.40
N ASP A 427 6.60 -25.55 36.54
CA ASP A 427 5.69 -26.06 35.51
C ASP A 427 4.63 -25.01 35.16
N ASP A 428 4.74 -24.41 33.96
CA ASP A 428 3.76 -23.39 33.54
C ASP A 428 2.77 -23.86 32.47
N SER A 429 2.64 -25.17 32.32
CA SER A 429 1.73 -25.74 31.32
C SER A 429 0.27 -25.32 31.55
N GLN A 430 -0.11 -25.07 32.80
CA GLN A 430 -1.49 -24.65 33.09
C GLN A 430 -1.62 -23.12 33.19
N LEU A 431 -0.54 -22.39 32.96
CA LEU A 431 -0.57 -20.93 33.02
C LEU A 431 -1.41 -20.39 31.82
N ASP A 432 -2.51 -19.71 32.12
CA ASP A 432 -3.39 -19.19 31.07
C ASP A 432 -2.98 -17.83 30.53
N MET A 433 -2.69 -17.78 29.23
CA MET A 433 -2.26 -16.54 28.57
C MET A 433 -3.38 -15.50 28.42
N GLY A 434 -4.60 -15.91 28.78
CA GLY A 434 -5.74 -15.02 28.76
C GLY A 434 -6.37 -14.62 27.44
N THR A 435 -7.26 -13.64 27.51
CA THR A 435 -8.00 -13.17 26.36
C THR A 435 -7.70 -11.74 25.92
N GLY A 436 -6.56 -11.20 26.38
CA GLY A 436 -6.16 -9.86 25.99
C GLY A 436 -6.03 -9.87 24.47
N LEU A 437 -6.07 -8.69 23.85
CA LEU A 437 -5.97 -8.62 22.39
C LEU A 437 -4.60 -9.01 21.80
N ARG A 438 -4.62 -9.90 20.82
CA ARG A 438 -3.42 -10.34 20.10
C ARG A 438 -3.28 -9.46 18.86
N TYR A 439 -2.06 -9.26 18.36
CA TYR A 439 -1.84 -8.47 17.16
C TYR A 439 -2.30 -9.32 15.96
N THR A 440 -3.26 -8.84 15.20
CA THR A 440 -3.81 -9.62 14.08
C THR A 440 -3.21 -9.48 12.68
N GLY A 441 -2.09 -8.77 12.55
CA GLY A 441 -1.50 -8.60 11.23
C GLY A 441 -0.91 -9.87 10.68
N VAL A 442 -0.96 -10.02 9.36
CA VAL A 442 -0.37 -11.17 8.67
C VAL A 442 0.48 -10.61 7.56
N GLY A 443 1.71 -11.10 7.45
CA GLY A 443 2.59 -10.61 6.41
C GLY A 443 3.21 -11.76 5.64
N PRO A 444 4.23 -11.50 4.81
CA PRO A 444 4.92 -12.51 4.00
C PRO A 444 5.69 -13.51 4.85
N GLY A 445 6.08 -13.06 6.05
CA GLY A 445 6.86 -13.90 6.95
C GLY A 445 6.10 -14.84 7.86
N ASN A 446 4.79 -14.68 7.95
CA ASN A 446 4.01 -15.53 8.82
C ASN A 446 2.69 -15.96 8.18
N LEU A 447 2.72 -16.31 6.90
CA LEU A 447 1.51 -16.76 6.23
C LEU A 447 1.15 -18.11 6.82
N PRO A 448 -0.15 -18.36 7.04
CA PRO A 448 -0.53 -19.64 7.61
C PRO A 448 -0.62 -20.77 6.59
N ILE A 449 -0.53 -22.01 7.08
CA ILE A 449 -0.65 -23.14 6.19
C ILE A 449 -2.14 -23.27 5.90
N MET A 450 -2.49 -23.45 4.63
CA MET A 450 -3.88 -23.57 4.24
C MET A 450 -4.08 -24.66 3.19
N THR A 451 -5.35 -25.01 3.00
CA THR A 451 -5.72 -25.98 2.00
C THR A 451 -6.92 -25.36 1.28
N ALA A 452 -6.98 -25.56 -0.03
CA ALA A 452 -8.06 -25.05 -0.85
C ALA A 452 -7.99 -25.87 -2.13
N PRO A 453 -9.13 -26.07 -2.79
CA PRO A 453 -9.07 -26.85 -4.03
C PRO A 453 -8.04 -26.19 -4.96
N ALA A 454 -7.44 -26.98 -5.84
CA ALA A 454 -6.44 -26.45 -6.76
C ALA A 454 -7.04 -25.68 -7.93
N TYR A 455 -6.34 -24.62 -8.31
CA TYR A 455 -6.75 -23.78 -9.43
C TYR A 455 -6.98 -24.65 -10.67
N VAL A 456 -8.12 -24.43 -11.33
CA VAL A 456 -8.45 -25.16 -12.55
C VAL A 456 -8.47 -24.18 -13.73
N PRO A 457 -7.45 -24.26 -14.61
CA PRO A 457 -7.40 -23.34 -15.76
C PRO A 457 -8.72 -23.35 -16.54
N GLY A 458 -9.21 -22.17 -16.90
CA GLY A 458 -10.45 -22.11 -17.66
C GLY A 458 -11.69 -21.79 -16.85
N THR A 459 -11.59 -21.92 -15.54
CA THR A 459 -12.72 -21.61 -14.68
C THR A 459 -12.74 -20.09 -14.47
N THR A 460 -13.95 -19.53 -14.38
CA THR A 460 -14.10 -18.11 -14.14
C THR A 460 -14.26 -17.98 -12.65
N TYR A 461 -13.37 -17.22 -12.03
CA TYR A 461 -13.40 -17.04 -10.58
C TYR A 461 -14.08 -15.79 -10.10
N ALA A 462 -14.99 -15.97 -9.14
CA ALA A 462 -15.72 -14.87 -8.55
C ALA A 462 -14.87 -14.21 -7.47
N GLN A 463 -15.38 -13.13 -6.88
CA GLN A 463 -14.67 -12.40 -5.84
C GLN A 463 -14.55 -13.25 -4.57
N GLY A 464 -13.31 -13.36 -4.07
CA GLY A 464 -13.08 -14.13 -2.86
C GLY A 464 -12.83 -15.60 -3.13
N ALA A 465 -12.41 -15.91 -4.37
CA ALA A 465 -12.12 -17.28 -4.77
C ALA A 465 -10.81 -17.82 -4.20
N LEU A 466 -10.89 -18.94 -3.49
CA LEU A 466 -9.74 -19.60 -2.89
C LEU A 466 -9.29 -20.84 -3.66
N VAL A 467 -8.10 -20.75 -4.25
CA VAL A 467 -7.54 -21.86 -5.00
C VAL A 467 -6.05 -22.02 -4.70
N SER A 468 -5.65 -23.25 -4.44
CA SER A 468 -4.26 -23.55 -4.16
C SER A 468 -3.56 -23.62 -5.51
N TYR A 469 -2.34 -23.08 -5.57
CA TYR A 469 -1.60 -23.07 -6.83
C TYR A 469 -0.14 -22.66 -6.59
N GLN A 470 0.79 -23.40 -7.19
CA GLN A 470 2.22 -23.11 -7.07
C GLN A 470 2.77 -23.05 -5.61
N GLY A 471 2.17 -23.80 -4.71
CA GLY A 471 2.65 -23.84 -3.34
C GLY A 471 2.09 -22.80 -2.38
N TYR A 472 1.00 -22.15 -2.79
CA TYR A 472 0.36 -21.13 -1.97
C TYR A 472 -1.13 -21.10 -2.20
N VAL A 473 -1.87 -20.59 -1.23
CA VAL A 473 -3.31 -20.44 -1.41
C VAL A 473 -3.44 -18.99 -1.85
N TRP A 474 -4.25 -18.75 -2.88
CA TRP A 474 -4.47 -17.40 -3.37
C TRP A 474 -5.95 -17.12 -3.32
N GLN A 475 -6.27 -15.85 -3.09
CA GLN A 475 -7.65 -15.44 -3.05
C GLN A 475 -7.80 -14.27 -4.05
N THR A 476 -8.92 -14.27 -4.76
CA THR A 476 -9.21 -13.22 -5.72
C THR A 476 -9.74 -12.02 -4.95
N LYS A 477 -9.34 -10.82 -5.39
CA LYS A 477 -9.76 -9.57 -4.77
C LYS A 477 -11.06 -9.07 -5.41
N TRP A 478 -11.32 -9.51 -6.64
CA TRP A 478 -12.56 -9.15 -7.32
C TRP A 478 -12.97 -10.29 -8.27
N GLY A 479 -14.07 -10.11 -8.98
CA GLY A 479 -14.59 -11.17 -9.84
C GLY A 479 -14.12 -11.29 -11.27
N TYR A 480 -14.63 -12.34 -11.92
CA TYR A 480 -14.32 -12.65 -13.31
C TYR A 480 -12.85 -12.74 -13.61
N ILE A 481 -12.14 -13.38 -12.69
CA ILE A 481 -10.72 -13.60 -12.81
C ILE A 481 -10.58 -14.96 -13.45
N THR A 482 -9.90 -14.97 -14.57
CA THR A 482 -9.72 -16.19 -15.34
C THR A 482 -8.23 -16.47 -15.56
N SER A 483 -7.39 -15.65 -14.93
CA SER A 483 -5.93 -15.76 -15.00
C SER A 483 -5.38 -16.68 -13.91
N ALA A 484 -4.15 -17.15 -14.11
CA ALA A 484 -3.51 -18.03 -13.13
C ALA A 484 -2.94 -17.21 -11.95
N PRO A 485 -3.26 -17.64 -10.70
CA PRO A 485 -2.80 -16.98 -9.47
C PRO A 485 -1.31 -16.68 -9.54
N GLY A 486 -0.92 -15.45 -9.22
CA GLY A 486 0.49 -15.12 -9.24
C GLY A 486 0.92 -14.06 -10.23
N SER A 487 0.27 -13.98 -11.38
CA SER A 487 0.69 -12.99 -12.36
C SER A 487 -0.38 -11.98 -12.78
N ASP A 488 -1.31 -11.71 -11.86
CA ASP A 488 -2.40 -10.77 -12.09
C ASP A 488 -2.60 -10.15 -10.71
N SER A 489 -2.54 -8.82 -10.61
CA SER A 489 -2.70 -8.21 -9.30
C SER A 489 -4.10 -8.46 -8.70
N ALA A 490 -4.94 -9.18 -9.43
CA ALA A 490 -6.27 -9.52 -8.93
C ALA A 490 -6.17 -10.62 -7.85
N TRP A 491 -4.99 -11.24 -7.73
CA TRP A 491 -4.79 -12.32 -6.76
C TRP A 491 -4.01 -11.89 -5.52
N LEU A 492 -4.46 -12.35 -4.36
CA LEU A 492 -3.79 -12.06 -3.09
C LEU A 492 -3.27 -13.36 -2.49
N LYS A 493 -1.95 -13.46 -2.28
CA LYS A 493 -1.37 -14.65 -1.68
C LYS A 493 -1.79 -14.62 -0.22
N VAL A 494 -2.54 -15.62 0.22
CA VAL A 494 -3.01 -15.60 1.59
C VAL A 494 -2.56 -16.76 2.47
N GLY A 495 -1.90 -17.75 1.89
CA GLY A 495 -1.47 -18.90 2.68
C GLY A 495 -0.42 -19.78 2.05
N ARG A 496 0.17 -20.65 2.88
CA ARG A 496 1.20 -21.58 2.45
C ARG A 496 0.64 -23.00 2.30
N VAL A 497 1.22 -23.75 1.39
CA VAL A 497 0.78 -25.13 1.15
C VAL A 497 1.49 -26.10 2.09
N ALA A 498 0.79 -26.96 2.69
N SER B 1 -10.47 27.77 -28.36
CA SER B 1 -11.26 26.51 -28.20
C SER B 1 -11.10 25.60 -29.41
N THR B 2 -10.07 24.76 -29.39
CA THR B 2 -9.84 23.86 -30.51
C THR B 2 -11.01 22.86 -30.59
N ARG B 3 -11.31 22.43 -31.81
CA ARG B 3 -12.42 21.52 -32.05
C ARG B 3 -12.30 20.24 -31.27
N LYS B 4 -13.41 19.80 -30.67
CA LYS B 4 -13.40 18.56 -29.91
C LYS B 4 -13.46 17.41 -30.91
N ALA B 5 -12.74 16.33 -30.63
CA ALA B 5 -12.75 15.20 -31.53
C ALA B 5 -14.07 14.44 -31.41
N VAL B 6 -14.50 13.84 -32.50
CA VAL B 6 -15.71 13.03 -32.51
C VAL B 6 -15.27 11.80 -33.31
N ILE B 7 -14.93 10.75 -32.58
CA ILE B 7 -14.43 9.50 -33.13
C ILE B 7 -15.48 8.39 -33.09
N GLY B 8 -15.92 7.93 -34.25
CA GLY B 8 -16.91 6.88 -34.27
C GLY B 8 -16.39 5.59 -34.88
N TYR B 9 -16.68 4.48 -34.24
CA TYR B 9 -16.27 3.19 -34.80
C TYR B 9 -17.18 2.73 -35.91
N TYR B 10 -16.58 2.17 -36.95
CA TYR B 10 -17.36 1.59 -38.01
C TYR B 10 -16.89 0.15 -37.88
N PHE B 11 -17.77 -0.71 -37.40
CA PHE B 11 -17.41 -2.11 -37.26
C PHE B 11 -18.15 -2.94 -38.28
N ILE B 12 -17.40 -3.79 -38.99
CA ILE B 12 -18.01 -4.66 -39.98
C ILE B 12 -17.31 -6.03 -39.87
N PRO B 13 -18.08 -7.09 -39.60
CA PRO B 13 -17.50 -8.45 -39.49
C PRO B 13 -17.06 -8.95 -40.84
N THR B 14 -16.14 -9.90 -40.82
CA THR B 14 -15.61 -10.49 -42.04
C THR B 14 -16.63 -11.01 -43.04
N ASN B 15 -17.70 -11.64 -42.56
CA ASN B 15 -18.71 -12.17 -43.48
C ASN B 15 -19.47 -11.04 -44.19
N GLN B 16 -19.61 -9.89 -43.53
CA GLN B 16 -20.29 -8.77 -44.17
C GLN B 16 -19.38 -8.13 -45.18
N ILE B 17 -18.07 -8.15 -44.93
CA ILE B 17 -17.15 -7.60 -45.90
C ILE B 17 -17.21 -8.50 -47.13
N ASN B 18 -17.13 -9.80 -46.88
CA ASN B 18 -17.14 -10.78 -47.95
C ASN B 18 -18.42 -10.79 -48.78
N ASN B 19 -19.52 -10.28 -48.21
CA ASN B 19 -20.80 -10.22 -48.93
C ASN B 19 -21.32 -8.79 -48.94
N TYR B 20 -20.38 -7.84 -48.96
CA TYR B 20 -20.74 -6.45 -48.91
C TYR B 20 -21.74 -6.05 -49.97
N THR B 21 -22.79 -5.36 -49.52
CA THR B 21 -23.83 -4.85 -50.39
C THR B 21 -24.45 -3.65 -49.68
N GLU B 22 -24.91 -2.67 -50.45
CA GLU B 22 -25.55 -1.50 -49.89
C GLU B 22 -27.05 -1.48 -50.20
N THR B 23 -27.59 -2.63 -50.64
CA THR B 23 -29.01 -2.68 -50.98
C THR B 23 -29.74 -3.83 -50.27
N ASP B 24 -29.26 -4.22 -49.10
CA ASP B 24 -29.87 -5.34 -48.39
C ASP B 24 -29.46 -5.35 -46.92
N THR B 25 -30.18 -4.58 -46.12
CA THR B 25 -29.86 -4.48 -44.70
C THR B 25 -29.89 -5.81 -44.00
N SER B 26 -30.47 -6.83 -44.62
CA SER B 26 -30.49 -8.16 -44.01
C SER B 26 -29.11 -8.82 -44.12
N VAL B 27 -28.29 -8.38 -45.05
CA VAL B 27 -26.94 -8.93 -45.18
C VAL B 27 -25.96 -7.95 -44.55
N VAL B 28 -26.08 -6.67 -44.90
CA VAL B 28 -25.23 -5.62 -44.33
C VAL B 28 -26.15 -4.55 -43.78
N PRO B 29 -26.45 -4.59 -42.46
CA PRO B 29 -27.34 -3.63 -41.76
C PRO B 29 -26.92 -2.15 -41.84
N PHE B 30 -25.62 -1.90 -41.86
CA PHE B 30 -25.14 -0.53 -41.90
C PHE B 30 -24.03 -0.33 -42.94
N PRO B 31 -24.40 -0.22 -44.22
CA PRO B 31 -23.41 -0.02 -45.29
C PRO B 31 -22.82 1.39 -45.18
N VAL B 32 -21.64 1.61 -45.74
CA VAL B 32 -20.99 2.91 -45.66
C VAL B 32 -21.88 4.01 -46.26
N SER B 33 -22.73 3.63 -47.21
CA SER B 33 -23.63 4.59 -47.85
C SER B 33 -24.57 5.29 -46.86
N ASN B 34 -24.77 4.71 -45.68
CA ASN B 34 -25.62 5.35 -44.67
C ASN B 34 -24.91 6.57 -44.08
N ILE B 35 -23.61 6.69 -44.34
CA ILE B 35 -22.88 7.84 -43.86
C ILE B 35 -22.88 8.92 -44.94
N THR B 36 -23.70 9.93 -44.73
CA THR B 36 -23.85 11.05 -45.67
C THR B 36 -22.78 12.11 -45.51
N PRO B 37 -22.75 13.09 -46.42
CA PRO B 37 -21.73 14.13 -46.27
C PRO B 37 -21.94 14.89 -44.96
N ALA B 38 -23.21 15.00 -44.55
CA ALA B 38 -23.54 15.70 -43.31
C ALA B 38 -22.98 14.92 -42.13
N LYS B 39 -23.14 13.59 -42.15
CA LYS B 39 -22.61 12.78 -41.04
C LYS B 39 -21.07 12.81 -41.04
N ALA B 40 -20.47 12.75 -42.24
CA ALA B 40 -19.03 12.79 -42.36
C ALA B 40 -18.43 14.10 -41.83
N LYS B 41 -19.18 15.19 -42.00
CA LYS B 41 -18.74 16.50 -41.53
C LYS B 41 -18.85 16.59 -40.01
N GLN B 42 -19.66 15.71 -39.43
CA GLN B 42 -19.87 15.69 -37.98
C GLN B 42 -18.83 14.85 -37.26
N LEU B 43 -18.06 14.09 -38.03
CA LEU B 43 -17.02 13.23 -37.49
C LEU B 43 -15.65 13.81 -37.74
N THR B 44 -14.70 13.56 -36.83
CA THR B 44 -13.33 14.00 -37.08
C THR B 44 -12.53 12.72 -37.36
N HIS B 45 -13.02 11.59 -36.85
CA HIS B 45 -12.37 10.29 -37.05
C HIS B 45 -13.36 9.15 -37.16
N ILE B 46 -13.03 8.19 -38.03
CA ILE B 46 -13.80 6.95 -38.13
C ILE B 46 -12.75 5.87 -37.90
N ASN B 47 -13.02 5.02 -36.93
CA ASN B 47 -12.10 3.94 -36.57
C ASN B 47 -12.65 2.67 -37.23
N PHE B 48 -12.12 2.31 -38.39
CA PHE B 48 -12.53 1.07 -39.05
C PHE B 48 -12.07 -0.08 -38.14
N SER B 49 -12.94 -1.04 -37.87
CA SER B 49 -12.59 -2.15 -36.97
C SER B 49 -13.13 -3.50 -37.46
N PHE B 50 -12.38 -4.60 -37.27
CA PHE B 50 -11.08 -4.64 -36.59
C PHE B 50 -10.07 -5.44 -37.39
N LEU B 51 -8.82 -5.00 -37.35
CA LEU B 51 -7.75 -5.76 -37.95
C LEU B 51 -7.17 -6.51 -36.73
N ASP B 52 -6.16 -7.34 -36.95
CA ASP B 52 -5.65 -8.13 -35.84
C ASP B 52 -4.13 -8.23 -35.97
N ILE B 53 -3.53 -9.09 -35.14
CA ILE B 53 -2.10 -9.33 -35.21
C ILE B 53 -2.01 -10.83 -35.45
N ASN B 54 -1.30 -11.26 -36.49
CA ASN B 54 -1.19 -12.68 -36.78
C ASN B 54 -0.04 -13.40 -36.08
N SER B 55 0.09 -14.72 -36.33
CA SER B 55 1.13 -15.52 -35.72
C SER B 55 2.50 -15.11 -36.19
N ASN B 56 2.56 -14.32 -37.26
CA ASN B 56 3.85 -13.84 -37.74
C ASN B 56 4.20 -12.55 -36.98
N LEU B 57 3.32 -12.15 -36.08
CA LEU B 57 3.52 -10.96 -35.26
C LEU B 57 3.49 -9.63 -36.03
N GLU B 58 2.69 -9.59 -37.08
CA GLU B 58 2.51 -8.38 -37.87
C GLU B 58 1.03 -8.12 -37.94
N CYS B 59 0.70 -6.85 -38.12
CA CYS B 59 -0.70 -6.44 -38.25
C CYS B 59 -1.28 -7.05 -39.54
N ALA B 60 -2.48 -7.63 -39.46
CA ALA B 60 -3.11 -8.21 -40.65
C ALA B 60 -4.62 -8.37 -40.54
N TRP B 61 -5.24 -8.51 -41.70
CA TRP B 61 -6.68 -8.73 -41.78
C TRP B 61 -6.96 -10.17 -41.41
N ASP B 62 -8.16 -10.42 -40.93
CA ASP B 62 -8.60 -11.77 -40.64
C ASP B 62 -8.30 -12.51 -41.97
N PRO B 63 -7.55 -13.62 -41.94
CA PRO B 63 -7.17 -14.42 -43.11
C PRO B 63 -8.34 -14.81 -44.02
N ALA B 64 -9.54 -14.85 -43.47
CA ALA B 64 -10.73 -15.21 -44.24
C ALA B 64 -11.32 -14.02 -45.01
N THR B 65 -10.65 -12.88 -44.93
CA THR B 65 -11.16 -11.71 -45.60
C THR B 65 -10.90 -11.68 -47.12
N ASN B 66 -11.92 -11.39 -47.91
CA ASN B 66 -11.74 -11.26 -49.35
C ASN B 66 -11.07 -9.88 -49.41
N ASP B 67 -9.79 -9.85 -49.79
CA ASP B 67 -9.03 -8.61 -49.84
C ASP B 67 -9.64 -7.53 -50.74
N ALA B 68 -10.10 -7.94 -51.93
CA ALA B 68 -10.68 -6.94 -52.83
C ALA B 68 -11.91 -6.28 -52.18
N LYS B 69 -12.77 -7.09 -51.56
CA LYS B 69 -13.97 -6.58 -50.90
C LYS B 69 -13.58 -5.64 -49.76
N ALA B 70 -12.52 -6.01 -49.04
CA ALA B 70 -12.03 -5.21 -47.93
C ALA B 70 -11.58 -3.83 -48.45
N ARG B 71 -10.77 -3.84 -49.51
CA ARG B 71 -10.29 -2.58 -50.08
C ARG B 71 -11.45 -1.67 -50.49
N ASP B 72 -12.50 -2.27 -51.05
CA ASP B 72 -13.67 -1.52 -51.50
C ASP B 72 -14.41 -0.86 -50.32
N VAL B 73 -14.57 -1.60 -49.21
CA VAL B 73 -15.26 -1.04 -48.04
C VAL B 73 -14.42 0.11 -47.48
N VAL B 74 -13.11 -0.08 -47.37
CA VAL B 74 -12.25 0.98 -46.87
C VAL B 74 -12.33 2.19 -47.81
N ASN B 75 -12.32 1.94 -49.13
CA ASN B 75 -12.40 3.04 -50.10
C ASN B 75 -13.66 3.88 -49.93
N ARG B 76 -14.79 3.22 -49.69
CA ARG B 76 -16.04 3.95 -49.47
C ARG B 76 -15.88 4.88 -48.26
N LEU B 77 -15.11 4.43 -47.27
CA LEU B 77 -14.92 5.26 -46.09
C LEU B 77 -13.96 6.41 -46.40
N THR B 78 -12.85 6.12 -47.08
CA THR B 78 -11.91 7.21 -47.35
C THR B 78 -12.47 8.23 -48.33
N ALA B 79 -13.47 7.84 -49.11
CA ALA B 79 -14.08 8.78 -50.04
C ALA B 79 -14.83 9.87 -49.27
N LEU B 80 -15.17 9.57 -48.01
CA LEU B 80 -15.90 10.53 -47.18
C LEU B 80 -15.04 11.74 -46.88
N LYS B 81 -13.73 11.59 -47.07
CA LYS B 81 -12.83 12.70 -46.79
C LYS B 81 -13.08 13.85 -47.75
N ALA B 82 -13.65 13.53 -48.90
CA ALA B 82 -13.96 14.58 -49.87
C ALA B 82 -14.90 15.61 -49.24
N HIS B 83 -15.67 15.19 -48.24
CA HIS B 83 -16.63 16.09 -47.58
C HIS B 83 -16.13 16.77 -46.31
N ASN B 84 -14.95 16.40 -45.84
CA ASN B 84 -14.46 16.99 -44.61
C ASN B 84 -12.93 16.91 -44.62
N PRO B 85 -12.26 18.04 -44.89
CA PRO B 85 -10.78 18.01 -44.92
C PRO B 85 -10.09 17.69 -43.59
N SER B 86 -10.84 17.60 -42.49
CA SER B 86 -10.24 17.24 -41.19
C SER B 86 -10.41 15.77 -40.87
N LEU B 87 -11.36 15.13 -41.55
CA LEU B 87 -11.68 13.73 -41.32
C LEU B 87 -10.55 12.72 -41.52
N ARG B 88 -10.43 11.80 -40.58
CA ARG B 88 -9.41 10.76 -40.69
C ARG B 88 -10.07 9.40 -40.58
N ILE B 89 -9.69 8.48 -41.46
CA ILE B 89 -10.20 7.12 -41.41
C ILE B 89 -9.09 6.27 -40.76
N MET B 90 -9.21 6.03 -39.47
CA MET B 90 -8.26 5.24 -38.69
C MET B 90 -8.59 3.78 -38.82
N PHE B 91 -7.64 2.89 -38.53
CA PHE B 91 -8.01 1.48 -38.52
C PHE B 91 -7.59 0.96 -37.14
N SER B 92 -8.42 0.10 -36.57
CA SER B 92 -8.19 -0.40 -35.24
C SER B 92 -7.75 -1.85 -35.23
N ILE B 93 -6.69 -2.10 -34.47
CA ILE B 93 -6.11 -3.43 -34.32
C ILE B 93 -6.48 -3.96 -32.94
N GLY B 94 -7.16 -5.11 -32.90
CA GLY B 94 -7.52 -5.68 -31.63
C GLY B 94 -9.01 -5.84 -31.43
N GLY B 95 -9.53 -5.25 -30.35
CA GLY B 95 -10.93 -5.38 -30.03
C GLY B 95 -11.02 -6.53 -29.02
N TRP B 96 -12.16 -6.65 -28.33
CA TRP B 96 -12.33 -7.69 -27.32
C TRP B 96 -12.14 -9.13 -27.85
N TYR B 97 -12.87 -9.49 -28.90
CA TYR B 97 -12.75 -10.85 -29.49
C TYR B 97 -11.31 -11.30 -29.79
N TYR B 98 -10.56 -10.48 -30.50
CA TYR B 98 -9.20 -10.84 -30.83
C TYR B 98 -8.16 -10.78 -29.70
N SER B 99 -8.25 -9.74 -28.87
CA SER B 99 -7.23 -9.52 -27.85
C SER B 99 -7.46 -9.76 -26.36
N ASN B 100 -8.68 -10.09 -25.93
CA ASN B 100 -8.86 -10.31 -24.49
C ASN B 100 -7.94 -11.47 -24.07
N ASP B 101 -7.74 -11.66 -22.77
CA ASP B 101 -6.83 -12.70 -22.28
C ASP B 101 -7.04 -14.09 -22.88
N LEU B 102 -8.29 -14.45 -23.11
CA LEU B 102 -8.60 -15.74 -23.67
C LEU B 102 -9.00 -15.60 -25.12
N GLY B 103 -8.68 -14.46 -25.73
CA GLY B 103 -9.02 -14.25 -27.12
C GLY B 103 -8.22 -15.12 -28.07
N VAL B 104 -8.73 -15.28 -29.28
CA VAL B 104 -8.08 -16.12 -30.28
C VAL B 104 -6.69 -15.68 -30.72
N SER B 105 -6.39 -14.39 -30.60
CA SER B 105 -5.06 -13.94 -31.04
C SER B 105 -4.24 -13.33 -29.92
N HIS B 106 -4.67 -13.53 -28.68
CA HIS B 106 -3.99 -12.90 -27.57
C HIS B 106 -2.47 -13.05 -27.55
N ALA B 107 -1.96 -14.28 -27.74
CA ALA B 107 -0.51 -14.47 -27.73
C ALA B 107 0.24 -13.63 -28.76
N ASN B 108 -0.38 -13.36 -29.91
CA ASN B 108 0.27 -12.56 -30.92
C ASN B 108 0.52 -11.14 -30.42
N TYR B 109 -0.37 -10.60 -29.59
CA TYR B 109 -0.16 -9.24 -29.05
C TYR B 109 1.01 -9.28 -28.05
N VAL B 110 0.96 -10.21 -27.10
CA VAL B 110 2.02 -10.34 -26.13
C VAL B 110 3.39 -10.54 -26.79
N ASN B 111 3.44 -11.41 -27.79
CA ASN B 111 4.72 -11.69 -28.44
C ASN B 111 5.22 -10.59 -29.40
N ALA B 112 4.32 -9.87 -30.04
CA ALA B 112 4.74 -8.82 -30.97
C ALA B 112 5.49 -7.67 -30.27
N VAL B 113 5.15 -7.39 -29.02
CA VAL B 113 5.77 -6.24 -28.34
C VAL B 113 6.97 -6.59 -27.47
N LYS B 114 7.40 -7.85 -27.53
CA LYS B 114 8.49 -8.37 -26.73
C LYS B 114 9.89 -7.79 -26.86
N THR B 115 10.38 -7.68 -28.08
CA THR B 115 11.73 -7.20 -28.24
C THR B 115 11.87 -6.04 -29.18
N PRO B 116 13.06 -5.41 -29.19
CA PRO B 116 13.22 -4.29 -30.10
C PRO B 116 12.91 -4.74 -31.54
N ALA B 117 13.31 -5.96 -31.89
CA ALA B 117 13.09 -6.50 -33.22
C ALA B 117 11.62 -6.85 -33.50
N SER B 118 10.94 -7.50 -32.56
CA SER B 118 9.55 -7.85 -32.83
C SER B 118 8.75 -6.55 -32.94
N ARG B 119 9.04 -5.59 -32.06
CA ARG B 119 8.37 -4.30 -32.06
C ARG B 119 8.57 -3.53 -33.37
N ALA B 120 9.80 -3.54 -33.86
CA ALA B 120 10.11 -2.86 -35.12
C ALA B 120 9.36 -3.51 -36.27
N LYS B 121 9.35 -4.84 -36.28
CA LYS B 121 8.67 -5.59 -37.32
C LYS B 121 7.19 -5.35 -37.19
N PHE B 122 6.70 -5.30 -35.95
CA PHE B 122 5.28 -5.07 -35.79
C PHE B 122 4.91 -3.66 -36.21
N ALA B 123 5.65 -2.66 -35.71
CA ALA B 123 5.35 -1.27 -36.07
C ALA B 123 5.43 -1.03 -37.56
N GLN B 124 6.41 -1.61 -38.21
CA GLN B 124 6.54 -1.42 -39.65
C GLN B 124 5.35 -1.99 -40.38
N SER B 125 4.80 -3.11 -39.91
CA SER B 125 3.66 -3.72 -40.58
C SER B 125 2.41 -2.83 -40.43
N CYS B 126 2.30 -2.11 -39.30
CA CYS B 126 1.16 -1.23 -39.10
C CYS B 126 1.22 -0.10 -40.13
N VAL B 127 2.41 0.43 -40.38
CA VAL B 127 2.55 1.51 -41.36
C VAL B 127 2.31 0.97 -42.77
N ARG B 128 2.82 -0.22 -43.09
CA ARG B 128 2.60 -0.79 -44.42
C ARG B 128 1.09 -1.00 -44.64
N ILE B 129 0.43 -1.58 -43.64
CA ILE B 129 -1.01 -1.79 -43.74
C ILE B 129 -1.73 -0.45 -43.96
N MET B 130 -1.36 0.54 -43.15
CA MET B 130 -1.97 1.86 -43.24
C MET B 130 -1.85 2.45 -44.65
N LYS B 131 -0.65 2.39 -45.20
CA LYS B 131 -0.40 2.93 -46.54
C LYS B 131 -1.02 2.07 -47.62
N ASP B 132 -0.98 0.75 -47.46
CA ASP B 132 -1.53 -0.12 -48.46
C ASP B 132 -3.03 0.10 -48.66
N TYR B 133 -3.79 0.22 -47.58
CA TYR B 133 -5.23 0.37 -47.72
C TYR B 133 -5.70 1.81 -47.72
N GLY B 134 -4.77 2.73 -47.47
CA GLY B 134 -5.08 4.14 -47.47
C GLY B 134 -5.74 4.70 -46.23
N PHE B 135 -5.37 4.18 -45.06
CA PHE B 135 -5.91 4.66 -43.78
C PHE B 135 -5.10 5.88 -43.37
N ASP B 136 -5.63 6.65 -42.43
CA ASP B 136 -4.99 7.87 -41.98
C ASP B 136 -4.34 7.80 -40.62
N GLY B 137 -4.37 6.62 -39.99
CA GLY B 137 -3.77 6.48 -38.68
C GLY B 137 -3.97 5.10 -38.09
N VAL B 138 -3.40 4.89 -36.91
CA VAL B 138 -3.49 3.60 -36.24
C VAL B 138 -4.08 3.72 -34.86
N ASP B 139 -5.00 2.81 -34.55
CA ASP B 139 -5.65 2.76 -33.23
C ASP B 139 -5.39 1.36 -32.69
N ILE B 140 -4.83 1.27 -31.48
CA ILE B 140 -4.56 -0.04 -30.91
C ILE B 140 -5.54 -0.26 -29.79
N ASP B 141 -6.28 -1.37 -29.92
CA ASP B 141 -7.32 -1.73 -28.96
C ASP B 141 -7.03 -3.08 -28.31
N TRP B 142 -5.91 -3.17 -27.60
CA TRP B 142 -5.55 -4.39 -26.89
C TRP B 142 -6.24 -4.32 -25.54
N GLU B 143 -7.15 -5.26 -25.31
CA GLU B 143 -7.93 -5.30 -24.06
C GLU B 143 -7.63 -6.53 -23.20
N TYR B 144 -6.59 -6.49 -22.37
CA TYR B 144 -5.68 -5.35 -22.19
C TYR B 144 -4.32 -5.91 -21.78
N PRO B 145 -3.23 -5.18 -22.07
CA PRO B 145 -1.90 -5.67 -21.68
C PRO B 145 -1.83 -5.76 -20.16
N GLN B 146 -1.24 -6.85 -19.66
CA GLN B 146 -1.11 -7.11 -18.22
C GLN B 146 0.17 -6.43 -17.76
N ALA B 147 0.24 -6.18 -16.46
CA ALA B 147 1.38 -5.50 -15.87
C ALA B 147 2.76 -5.80 -16.48
N ALA B 148 3.10 -7.07 -16.62
CA ALA B 148 4.40 -7.42 -17.19
C ALA B 148 4.59 -7.09 -18.68
N GLU B 149 3.50 -6.87 -19.40
CA GLU B 149 3.55 -6.60 -20.84
C GLU B 149 3.57 -5.11 -21.18
N VAL B 150 3.31 -4.28 -20.17
CA VAL B 150 3.25 -2.86 -20.35
C VAL B 150 4.49 -2.17 -20.93
N ASP B 151 5.68 -2.58 -20.51
CA ASP B 151 6.89 -1.93 -21.05
C ASP B 151 7.04 -2.23 -22.54
N GLY B 152 6.65 -3.44 -22.94
CA GLY B 152 6.73 -3.81 -24.34
C GLY B 152 5.73 -2.96 -25.12
N PHE B 153 4.51 -2.96 -24.62
CA PHE B 153 3.40 -2.20 -25.21
C PHE B 153 3.83 -0.73 -25.39
N ILE B 154 4.37 -0.13 -24.35
CA ILE B 154 4.83 1.25 -24.43
C ILE B 154 5.89 1.43 -25.51
N ALA B 155 6.89 0.56 -25.52
CA ALA B 155 7.96 0.67 -26.51
C ALA B 155 7.37 0.48 -27.91
N ALA B 156 6.37 -0.40 -28.05
CA ALA B 156 5.75 -0.59 -29.36
C ALA B 156 5.04 0.69 -29.83
N LEU B 157 4.34 1.36 -28.93
CA LEU B 157 3.63 2.59 -29.27
C LEU B 157 4.63 3.68 -29.64
N GLN B 158 5.76 3.71 -28.93
CA GLN B 158 6.73 4.75 -29.25
C GLN B 158 7.29 4.49 -30.64
N GLU B 159 7.51 3.24 -30.98
CA GLU B 159 8.07 2.92 -32.29
C GLU B 159 7.08 3.27 -33.41
N ILE B 160 5.80 2.96 -33.21
CA ILE B 160 4.81 3.29 -34.22
C ILE B 160 4.77 4.81 -34.45
N ARG B 161 4.83 5.58 -33.37
CA ARG B 161 4.83 7.04 -33.45
C ARG B 161 6.00 7.55 -34.29
N THR B 162 7.19 7.00 -34.04
CA THR B 162 8.38 7.42 -34.79
C THR B 162 8.19 7.15 -36.28
N LEU B 163 7.67 5.98 -36.63
CA LEU B 163 7.48 5.61 -38.03
C LEU B 163 6.37 6.42 -38.68
N LEU B 164 5.33 6.73 -37.92
CA LEU B 164 4.23 7.51 -38.45
C LEU B 164 4.73 8.91 -38.75
N ASN B 165 5.46 9.50 -37.81
CA ASN B 165 5.97 10.84 -38.04
C ASN B 165 6.87 10.85 -39.29
N GLN B 166 7.74 9.85 -39.41
CA GLN B 166 8.62 9.72 -40.56
C GLN B 166 7.78 9.66 -41.84
N GLN B 167 6.74 8.84 -41.83
CA GLN B 167 5.83 8.68 -42.96
C GLN B 167 5.11 9.99 -43.29
N THR B 168 4.71 10.74 -42.26
CA THR B 168 4.03 12.01 -42.50
C THR B 168 4.95 12.91 -43.33
N ILE B 169 6.23 13.00 -42.93
CA ILE B 169 7.18 13.84 -43.67
C ILE B 169 7.37 13.29 -45.07
N THR B 170 7.65 12.00 -45.16
CA THR B 170 7.84 11.34 -46.45
C THR B 170 6.68 11.64 -47.40
N ASP B 171 5.45 11.57 -46.90
CA ASP B 171 4.28 11.79 -47.74
C ASP B 171 3.80 13.22 -47.89
N GLY B 172 4.49 14.16 -47.26
CA GLY B 172 4.08 15.56 -47.34
C GLY B 172 2.71 15.75 -46.70
N ARG B 173 2.41 14.97 -45.66
CA ARG B 173 1.12 15.03 -44.98
C ARG B 173 1.05 15.96 -43.74
N GLN B 174 1.94 16.95 -43.68
CA GLN B 174 1.96 17.89 -42.57
C GLN B 174 0.60 18.50 -42.25
N ALA B 175 -0.24 18.73 -43.25
CA ALA B 175 -1.55 19.33 -43.01
C ALA B 175 -2.55 18.38 -42.33
N LEU B 176 -2.28 17.07 -42.42
CA LEU B 176 -3.16 16.07 -41.81
C LEU B 176 -2.24 14.90 -41.43
N PRO B 177 -1.38 15.10 -40.44
CA PRO B 177 -0.41 14.13 -39.92
C PRO B 177 -1.04 12.79 -39.57
N TYR B 178 -0.32 11.71 -39.85
CA TYR B 178 -0.80 10.38 -39.50
C TYR B 178 -0.88 10.33 -37.98
N GLN B 179 -1.94 9.72 -37.44
CA GLN B 179 -2.12 9.68 -35.98
C GLN B 179 -2.09 8.33 -35.33
N LEU B 180 -1.94 8.35 -34.01
CA LEU B 180 -1.90 7.14 -33.21
C LEU B 180 -2.77 7.30 -31.96
N THR B 181 -3.68 6.37 -31.78
CA THR B 181 -4.56 6.38 -30.62
C THR B 181 -4.70 4.96 -30.05
N ILE B 182 -5.28 4.84 -28.87
CA ILE B 182 -5.58 3.51 -28.37
C ILE B 182 -6.93 3.60 -27.68
N ALA B 183 -7.61 2.46 -27.58
CA ALA B 183 -8.87 2.42 -26.83
C ALA B 183 -8.36 2.03 -25.45
N GLY B 184 -8.72 2.82 -24.44
CA GLY B 184 -8.26 2.53 -23.09
C GLY B 184 -9.35 2.04 -22.13
N ALA B 185 -8.93 1.31 -21.10
CA ALA B 185 -9.87 0.83 -20.09
C ALA B 185 -10.69 2.01 -19.56
N GLY B 186 -11.97 1.78 -19.38
CA GLY B 186 -12.87 2.81 -18.85
C GLY B 186 -13.35 2.48 -17.45
N GLY B 187 -12.82 1.41 -16.87
CA GLY B 187 -13.18 0.99 -15.51
C GLY B 187 -11.93 0.60 -14.72
N ALA B 188 -11.92 0.81 -13.41
CA ALA B 188 -10.72 0.52 -12.61
C ALA B 188 -10.12 -0.88 -12.65
N PHE B 189 -10.96 -1.90 -12.75
CA PHE B 189 -10.46 -3.28 -12.75
C PHE B 189 -9.47 -3.52 -13.89
N PHE B 190 -9.84 -3.20 -15.12
CA PHE B 190 -8.90 -3.39 -16.21
C PHE B 190 -7.84 -2.30 -16.20
N LEU B 191 -8.24 -1.08 -15.85
CA LEU B 191 -7.28 0.03 -15.83
C LEU B 191 -6.12 -0.26 -14.88
N SER B 192 -6.37 -1.03 -13.82
CA SER B 192 -5.31 -1.32 -12.84
C SER B 192 -4.09 -2.04 -13.41
N ARG B 193 -4.27 -2.74 -14.52
CA ARG B 193 -3.19 -3.47 -15.14
C ARG B 193 -2.03 -2.60 -15.58
N TYR B 194 -2.33 -1.42 -16.14
CA TYR B 194 -1.28 -0.54 -16.63
C TYR B 194 -1.34 0.88 -16.09
N TYR B 195 -2.22 1.10 -15.12
CA TYR B 195 -2.42 2.42 -14.54
C TYR B 195 -1.14 3.14 -14.14
N SER B 196 -0.22 2.44 -13.46
CA SER B 196 1.01 3.05 -12.99
C SER B 196 1.88 3.68 -14.05
N LYS B 197 1.77 3.20 -15.29
CA LYS B 197 2.62 3.71 -16.37
C LYS B 197 1.81 4.49 -17.41
N LEU B 198 0.68 5.05 -16.98
CA LEU B 198 -0.18 5.79 -17.88
C LEU B 198 0.50 6.93 -18.62
N ALA B 199 1.35 7.72 -17.94
CA ALA B 199 2.02 8.83 -18.63
C ALA B 199 2.83 8.36 -19.83
N GLN B 200 3.57 7.26 -19.64
CA GLN B 200 4.37 6.70 -20.72
C GLN B 200 3.50 6.17 -21.86
N ILE B 201 2.36 5.59 -21.52
CA ILE B 201 1.46 5.09 -22.54
C ILE B 201 0.87 6.22 -23.37
N VAL B 202 0.43 7.29 -22.70
CA VAL B 202 -0.22 8.40 -23.37
C VAL B 202 0.74 9.32 -24.14
N ALA B 203 2.02 9.35 -23.77
CA ALA B 203 2.98 10.23 -24.45
C ALA B 203 2.99 10.14 -25.99
N PRO B 204 3.09 8.92 -26.54
CA PRO B 204 3.11 8.84 -28.01
C PRO B 204 1.77 8.94 -28.73
N LEU B 205 0.69 9.11 -27.97
CA LEU B 205 -0.64 9.15 -28.53
C LEU B 205 -1.20 10.53 -28.82
N ASP B 206 -2.08 10.61 -29.81
CA ASP B 206 -2.79 11.84 -30.07
C ASP B 206 -3.96 11.78 -29.11
N TYR B 207 -4.53 10.59 -28.90
CA TYR B 207 -5.65 10.42 -27.94
C TYR B 207 -5.70 9.04 -27.30
N ILE B 208 -6.24 8.98 -26.08
CA ILE B 208 -6.51 7.71 -25.43
C ILE B 208 -8.05 7.79 -25.31
N ASN B 209 -8.71 6.85 -25.97
CA ASN B 209 -10.18 6.83 -26.01
C ASN B 209 -10.67 5.86 -24.93
N LEU B 210 -11.21 6.43 -23.85
CA LEU B 210 -11.69 5.64 -22.73
C LEU B 210 -12.98 4.90 -23.02
N MET B 211 -12.99 3.59 -22.80
CA MET B 211 -14.18 2.80 -23.07
C MET B 211 -15.11 2.90 -21.86
N THR B 212 -15.59 4.11 -21.63
CA THR B 212 -16.46 4.40 -20.52
C THR B 212 -17.92 3.98 -20.72
N TYR B 213 -18.08 2.68 -20.87
CA TYR B 213 -19.38 2.04 -21.04
C TYR B 213 -19.17 0.59 -20.60
N ASP B 214 -20.22 -0.23 -20.68
CA ASP B 214 -20.12 -1.60 -20.19
C ASP B 214 -19.72 -1.58 -18.71
N LEU B 215 -20.08 -0.49 -18.02
CA LEU B 215 -19.75 -0.39 -16.61
C LEU B 215 -20.82 -1.11 -15.77
N ALA B 216 -21.81 -1.68 -16.45
CA ALA B 216 -22.87 -2.49 -15.83
C ALA B 216 -23.20 -3.54 -16.87
N GLY B 217 -23.86 -4.60 -16.43
CA GLY B 217 -24.22 -5.68 -17.33
C GLY B 217 -24.77 -6.87 -16.57
N PRO B 218 -25.33 -7.86 -17.28
CA PRO B 218 -25.90 -9.06 -16.65
C PRO B 218 -24.91 -9.90 -15.84
N TRP B 219 -23.63 -9.76 -16.12
CA TRP B 219 -22.62 -10.51 -15.37
C TRP B 219 -22.54 -9.98 -13.94
N GLU B 220 -23.19 -8.85 -13.68
CA GLU B 220 -23.22 -8.25 -12.33
C GLU B 220 -24.54 -8.64 -11.64
N LYS B 221 -24.49 -8.81 -10.32
CA LYS B 221 -25.66 -9.22 -9.51
C LYS B 221 -26.81 -8.24 -9.43
N VAL B 222 -26.51 -6.94 -9.53
CA VAL B 222 -27.58 -5.95 -9.45
C VAL B 222 -27.64 -5.09 -10.72
N THR B 223 -28.84 -4.77 -11.19
CA THR B 223 -28.96 -3.94 -12.38
C THR B 223 -28.38 -2.56 -12.08
N ASN B 224 -27.83 -1.93 -13.11
CA ASN B 224 -27.23 -0.61 -12.92
C ASN B 224 -27.03 0.09 -14.29
N HIS B 225 -26.77 1.38 -14.29
CA HIS B 225 -26.55 2.07 -15.55
C HIS B 225 -25.14 1.68 -15.98
N GLN B 226 -24.98 1.42 -17.28
CA GLN B 226 -23.68 1.00 -17.81
C GLN B 226 -22.75 2.15 -18.10
N ALA B 227 -23.29 3.37 -18.07
CA ALA B 227 -22.46 4.55 -18.33
C ALA B 227 -22.90 5.80 -17.57
N ALA B 228 -23.15 5.64 -16.27
CA ALA B 228 -23.52 6.75 -15.41
C ALA B 228 -22.41 7.80 -15.52
N LEU B 229 -22.78 9.07 -15.65
CA LEU B 229 -21.77 10.12 -15.74
C LEU B 229 -21.24 10.33 -14.33
N PHE B 230 -22.17 10.53 -13.39
CA PHE B 230 -21.87 10.70 -11.98
C PHE B 230 -22.56 9.56 -11.22
N GLY B 231 -22.23 9.39 -9.95
CA GLY B 231 -22.79 8.30 -9.20
C GLY B 231 -24.09 8.57 -8.47
N ASP B 232 -24.80 7.49 -8.20
CA ASP B 232 -26.07 7.51 -7.49
C ASP B 232 -25.80 6.75 -6.19
N ALA B 233 -25.96 7.44 -5.07
CA ALA B 233 -25.75 6.84 -3.75
C ALA B 233 -26.61 5.58 -3.57
N ALA B 234 -27.74 5.50 -4.27
CA ALA B 234 -28.63 4.35 -4.15
C ALA B 234 -28.15 3.21 -5.01
N GLY B 235 -27.19 3.49 -5.87
CA GLY B 235 -26.67 2.46 -6.75
C GLY B 235 -25.57 1.63 -6.12
N PRO B 236 -25.19 0.53 -6.75
CA PRO B 236 -24.13 -0.30 -6.21
C PRO B 236 -22.78 0.42 -6.23
N THR B 237 -21.84 -0.07 -5.45
CA THR B 237 -20.51 0.53 -5.40
C THR B 237 -19.51 -0.62 -5.53
N PHE B 238 -18.29 -0.30 -5.97
CA PHE B 238 -17.27 -1.31 -6.19
C PHE B 238 -15.95 -1.12 -5.51
N TYR B 239 -15.23 -2.23 -5.43
CA TYR B 239 -13.89 -2.31 -4.89
C TYR B 239 -13.02 -1.47 -5.86
N ASN B 240 -12.19 -0.58 -5.34
CA ASN B 240 -11.36 0.24 -6.22
C ASN B 240 -10.03 -0.48 -6.49
N ALA B 241 -9.98 -1.27 -7.57
CA ALA B 241 -8.80 -2.04 -7.90
C ALA B 241 -7.52 -1.25 -8.18
N LEU B 242 -7.62 0.08 -8.32
CA LEU B 242 -6.42 0.87 -8.55
C LEU B 242 -5.46 0.83 -7.34
N ARG B 243 -6.01 0.57 -6.14
CA ARG B 243 -5.16 0.55 -4.95
C ARG B 243 -4.25 -0.67 -4.89
N GLU B 244 -4.42 -1.59 -5.83
CA GLU B 244 -3.61 -2.80 -5.92
C GLU B 244 -2.59 -2.70 -7.04
N ALA B 245 -2.57 -1.57 -7.74
CA ALA B 245 -1.59 -1.36 -8.80
C ALA B 245 -0.21 -1.12 -8.17
N ASN B 246 0.84 -1.55 -8.86
CA ASN B 246 2.19 -1.39 -8.32
C ASN B 246 2.65 0.07 -8.44
N LEU B 247 2.11 0.91 -7.56
CA LEU B 247 2.43 2.34 -7.58
C LEU B 247 3.57 2.75 -6.67
N GLY B 248 3.77 2.01 -5.58
CA GLY B 248 4.82 2.37 -4.62
C GLY B 248 4.34 3.47 -3.68
N TRP B 249 3.04 3.62 -3.53
CA TRP B 249 2.50 4.65 -2.64
C TRP B 249 2.22 4.06 -1.26
N SER B 250 2.20 4.91 -0.24
CA SER B 250 1.93 4.46 1.12
C SER B 250 0.42 4.21 1.30
N TRP B 251 0.04 3.55 2.39
CA TRP B 251 -1.36 3.28 2.63
C TRP B 251 -2.20 4.55 2.55
N GLU B 252 -1.76 5.62 3.20
CA GLU B 252 -2.50 6.90 3.18
C GLU B 252 -2.65 7.45 1.75
N GLU B 253 -1.58 7.37 0.98
CA GLU B 253 -1.63 7.87 -0.39
C GLU B 253 -2.62 7.05 -1.24
N LEU B 254 -2.54 5.72 -1.15
CA LEU B 254 -3.43 4.86 -1.91
C LEU B 254 -4.87 5.15 -1.50
N THR B 255 -5.10 5.25 -0.21
CA THR B 255 -6.41 5.52 0.33
C THR B 255 -6.95 6.88 -0.13
N ARG B 256 -6.09 7.89 -0.18
CA ARG B 256 -6.56 9.20 -0.61
C ARG B 256 -6.83 9.26 -2.12
N ALA B 257 -6.06 8.50 -2.90
CA ALA B 257 -6.23 8.51 -4.35
C ALA B 257 -7.36 7.61 -4.85
N PHE B 258 -7.62 6.54 -4.09
CA PHE B 258 -8.62 5.56 -4.47
C PHE B 258 -9.72 5.27 -3.47
N PRO B 259 -10.64 6.23 -3.27
CA PRO B 259 -11.71 5.92 -2.31
C PRO B 259 -12.32 4.60 -2.75
N SER B 260 -12.72 3.80 -1.76
CA SER B 260 -13.28 2.48 -2.00
C SER B 260 -14.20 2.11 -0.84
N PRO B 261 -15.39 1.58 -1.14
CA PRO B 261 -15.83 1.36 -2.52
C PRO B 261 -16.17 2.69 -3.19
N PHE B 262 -16.32 2.69 -4.50
CA PHE B 262 -16.66 3.91 -5.21
C PHE B 262 -17.71 3.64 -6.29
N SER B 263 -18.24 4.71 -6.87
CA SER B 263 -19.24 4.56 -7.92
C SER B 263 -18.51 4.45 -9.25
N LEU B 264 -18.71 3.31 -9.94
CA LEU B 264 -18.08 3.06 -11.22
C LEU B 264 -18.81 3.89 -12.29
N THR B 265 -18.28 5.08 -12.58
CA THR B 265 -18.92 6.00 -13.52
C THR B 265 -17.93 6.51 -14.55
N VAL B 266 -18.43 7.30 -15.50
CA VAL B 266 -17.57 7.88 -16.54
C VAL B 266 -16.65 8.90 -15.89
N ASP B 267 -17.21 9.70 -15.00
CA ASP B 267 -16.46 10.72 -14.26
C ASP B 267 -15.30 10.06 -13.48
N ALA B 268 -15.58 8.94 -12.84
CA ALA B 268 -14.53 8.24 -12.09
C ALA B 268 -13.37 7.86 -13.03
N ALA B 269 -13.68 7.30 -14.20
CA ALA B 269 -12.59 6.92 -15.12
C ALA B 269 -11.78 8.13 -15.61
N VAL B 270 -12.48 9.20 -15.96
CA VAL B 270 -11.80 10.42 -16.41
C VAL B 270 -10.94 11.02 -15.27
N GLN B 271 -11.54 11.16 -14.09
CA GLN B 271 -10.80 11.72 -12.95
C GLN B 271 -9.62 10.84 -12.52
N GLN B 272 -9.75 9.52 -12.68
CA GLN B 272 -8.66 8.63 -12.31
C GLN B 272 -7.46 8.86 -13.21
N HIS B 273 -7.76 9.10 -14.49
CA HIS B 273 -6.70 9.36 -15.45
C HIS B 273 -6.01 10.72 -15.16
N LEU B 274 -6.82 11.75 -14.87
CA LEU B 274 -6.30 13.08 -14.56
C LEU B 274 -5.45 13.15 -13.27
N MET B 275 -5.66 12.20 -12.37
CA MET B 275 -4.90 12.14 -11.11
C MET B 275 -3.41 11.89 -11.37
N MET B 276 -3.13 11.10 -12.39
CA MET B 276 -1.77 10.76 -12.78
C MET B 276 -1.02 11.87 -13.48
N GLU B 277 0.15 12.17 -12.94
CA GLU B 277 1.01 13.20 -13.49
C GLU B 277 1.37 12.81 -14.91
N GLY B 278 1.47 13.81 -15.78
CA GLY B 278 1.83 13.55 -17.17
C GLY B 278 0.69 13.14 -18.11
N VAL B 279 -0.54 13.08 -17.63
CA VAL B 279 -1.67 12.75 -18.50
C VAL B 279 -2.45 14.05 -18.79
N PRO B 280 -2.31 14.64 -19.99
CA PRO B 280 -3.03 15.89 -20.33
C PRO B 280 -4.51 15.66 -20.65
N SER B 281 -5.38 16.46 -20.05
CA SER B 281 -6.80 16.30 -20.26
C SER B 281 -7.13 16.30 -21.76
N ALA B 282 -6.41 17.13 -22.50
CA ALA B 282 -6.63 17.27 -23.92
C ALA B 282 -6.46 15.97 -24.73
N LYS B 283 -5.78 14.95 -24.18
CA LYS B 283 -5.63 13.71 -24.93
C LYS B 283 -6.67 12.69 -24.50
N ILE B 284 -7.38 12.98 -23.43
CA ILE B 284 -8.35 12.03 -22.96
C ILE B 284 -9.66 12.17 -23.71
N VAL B 285 -10.15 11.08 -24.28
CA VAL B 285 -11.41 11.11 -25.03
C VAL B 285 -12.44 10.23 -24.30
N MET B 286 -13.64 10.76 -24.11
CA MET B 286 -14.72 10.03 -23.44
C MET B 286 -15.51 9.13 -24.37
N GLY B 287 -15.48 7.84 -24.12
CA GLY B 287 -16.28 6.96 -24.94
C GLY B 287 -17.74 6.98 -24.50
N VAL B 288 -18.66 6.77 -25.45
CA VAL B 288 -20.09 6.71 -25.15
C VAL B 288 -20.71 5.56 -25.93
N PRO B 289 -21.69 4.88 -25.33
CA PRO B 289 -22.31 3.75 -26.01
C PRO B 289 -23.48 4.18 -26.89
N PHE B 290 -23.58 3.62 -28.10
CA PHE B 290 -24.72 3.92 -28.98
C PHE B 290 -25.68 2.71 -28.88
N TYR B 291 -25.51 1.94 -27.81
CA TYR B 291 -26.33 0.75 -27.56
C TYR B 291 -26.66 0.65 -26.08
N GLY B 292 -27.69 -0.12 -25.77
CA GLY B 292 -28.07 -0.31 -24.38
C GLY B 292 -27.96 -1.78 -23.97
N ARG B 293 -28.02 -2.04 -22.67
CA ARG B 293 -27.95 -3.41 -22.13
C ARG B 293 -29.23 -3.70 -21.35
N ALA B 294 -29.83 -4.87 -21.61
CA ALA B 294 -31.09 -5.26 -20.99
C ALA B 294 -31.03 -6.42 -20.00
N PHE B 295 -31.87 -6.32 -18.97
CA PHE B 295 -31.94 -7.36 -17.94
C PHE B 295 -33.42 -7.78 -17.78
N LYS B 296 -33.64 -9.04 -17.40
CA LYS B 296 -34.99 -9.53 -17.16
C LYS B 296 -35.11 -10.01 -15.70
N GLY B 297 -36.34 -10.26 -15.25
CA GLY B 297 -36.56 -10.71 -13.90
C GLY B 297 -36.28 -9.67 -12.82
N VAL B 298 -36.53 -8.39 -13.12
CA VAL B 298 -36.25 -7.32 -12.15
C VAL B 298 -37.46 -6.93 -11.31
N SER B 299 -37.20 -6.39 -10.12
CA SER B 299 -38.28 -5.94 -9.22
C SER B 299 -38.72 -4.54 -9.64
N GLY B 300 -39.92 -4.13 -9.24
CA GLY B 300 -40.43 -2.82 -9.62
C GLY B 300 -40.32 -1.66 -8.64
N GLY B 301 -39.55 -1.84 -7.57
CA GLY B 301 -39.42 -0.77 -6.59
C GLY B 301 -38.79 0.55 -7.01
N ASN B 302 -37.81 0.51 -7.90
CA ASN B 302 -37.13 1.73 -8.32
C ASN B 302 -36.96 1.78 -9.85
N GLY B 303 -38.04 1.49 -10.55
CA GLY B 303 -38.00 1.49 -12.00
C GLY B 303 -37.11 0.38 -12.56
N GLY B 304 -36.85 -0.64 -11.76
CA GLY B 304 -36.00 -1.74 -12.20
C GLY B 304 -34.53 -1.46 -11.95
N GLN B 305 -34.24 -0.28 -11.39
CA GLN B 305 -32.88 0.13 -11.08
C GLN B 305 -32.36 -0.56 -9.85
N TYR B 306 -31.10 -0.98 -9.91
CA TYR B 306 -30.40 -1.63 -8.79
C TYR B 306 -31.18 -2.81 -8.23
N SER B 307 -31.71 -3.64 -9.12
CA SER B 307 -32.48 -4.79 -8.69
C SER B 307 -31.80 -6.12 -8.99
N SER B 308 -32.19 -7.15 -8.25
CA SER B 308 -31.66 -8.47 -8.51
C SER B 308 -32.32 -8.78 -9.88
N HIS B 309 -31.83 -9.78 -10.61
CA HIS B 309 -32.39 -10.14 -11.91
C HIS B 309 -32.04 -11.57 -12.25
N SER B 310 -32.60 -12.08 -13.34
CA SER B 310 -32.31 -13.44 -13.73
C SER B 310 -31.76 -13.53 -15.13
N THR B 311 -30.89 -12.58 -15.47
CA THR B 311 -30.31 -12.52 -16.79
C THR B 311 -28.99 -13.28 -16.93
N PRO B 312 -28.88 -14.16 -17.93
CA PRO B 312 -27.63 -14.90 -18.10
C PRO B 312 -26.53 -13.87 -18.34
N GLY B 313 -25.37 -14.05 -17.73
CA GLY B 313 -24.27 -13.12 -17.91
C GLY B 313 -23.14 -13.64 -18.80
N GLU B 314 -23.21 -14.92 -19.16
CA GLU B 314 -22.20 -15.55 -20.00
C GLU B 314 -22.37 -15.25 -21.50
N ASP B 315 -21.29 -15.46 -22.25
CA ASP B 315 -21.28 -15.25 -23.70
C ASP B 315 -20.78 -16.50 -24.39
N PRO B 316 -21.48 -16.95 -25.44
CA PRO B 316 -22.70 -16.37 -26.03
C PRO B 316 -23.98 -16.57 -25.22
N TYR B 317 -25.03 -15.82 -25.57
CA TYR B 317 -26.33 -15.95 -24.91
C TYR B 317 -26.67 -17.42 -25.04
N PRO B 318 -26.91 -18.10 -23.91
CA PRO B 318 -27.23 -19.52 -23.81
C PRO B 318 -28.61 -20.08 -24.20
N SER B 319 -29.65 -19.25 -24.22
CA SER B 319 -31.00 -19.72 -24.58
C SER B 319 -31.41 -19.30 -25.99
N THR B 320 -32.63 -19.67 -26.38
CA THR B 320 -33.19 -19.30 -27.66
C THR B 320 -34.41 -18.45 -27.33
N ASP B 321 -34.51 -18.09 -26.07
CA ASP B 321 -35.59 -17.27 -25.54
C ASP B 321 -35.27 -15.76 -25.64
N TYR B 322 -35.92 -15.08 -26.58
CA TYR B 322 -35.73 -13.65 -26.79
C TYR B 322 -36.85 -12.85 -26.12
N TRP B 323 -36.61 -12.50 -24.86
CA TRP B 323 -37.55 -11.78 -24.00
C TRP B 323 -37.54 -10.26 -24.02
N LEU B 324 -36.70 -9.64 -24.85
CA LEU B 324 -36.71 -8.19 -24.90
C LEU B 324 -37.80 -7.83 -25.91
N VAL B 325 -39.00 -7.58 -25.39
CA VAL B 325 -40.17 -7.26 -26.19
C VAL B 325 -39.95 -6.23 -27.29
N GLY B 326 -40.23 -6.61 -28.52
CA GLY B 326 -40.09 -5.68 -29.62
C GLY B 326 -38.70 -5.49 -30.16
N CYS B 327 -37.76 -6.32 -29.71
CA CYS B 327 -36.41 -6.19 -30.22
C CYS B 327 -36.17 -7.25 -31.31
N GLU B 328 -36.59 -6.95 -32.53
CA GLU B 328 -36.41 -7.89 -33.64
C GLU B 328 -34.94 -8.02 -33.97
N GLU B 329 -34.18 -6.97 -33.70
CA GLU B 329 -32.73 -6.95 -33.95
C GLU B 329 -32.06 -7.98 -33.02
N CYS B 330 -32.59 -8.13 -31.80
CA CYS B 330 -32.04 -9.09 -30.84
C CYS B 330 -32.21 -10.52 -31.33
N VAL B 331 -33.32 -10.77 -32.00
CA VAL B 331 -33.63 -12.09 -32.57
C VAL B 331 -32.65 -12.37 -33.70
N ARG B 332 -32.44 -11.37 -34.55
CA ARG B 332 -31.51 -11.47 -35.66
C ARG B 332 -30.09 -11.76 -35.15
N ASP B 333 -29.71 -11.10 -34.06
CA ASP B 333 -28.38 -11.27 -33.49
C ASP B 333 -28.36 -12.35 -32.42
N LYS B 334 -29.53 -12.93 -32.17
CA LYS B 334 -29.65 -13.97 -31.17
C LYS B 334 -29.13 -13.62 -29.77
N ASP B 335 -29.52 -12.43 -29.28
CA ASP B 335 -29.14 -11.97 -27.94
C ASP B 335 -30.12 -10.88 -27.51
N PRO B 336 -30.91 -11.14 -26.46
CA PRO B 336 -31.88 -10.17 -25.95
C PRO B 336 -31.31 -9.23 -24.90
N ARG B 337 -30.02 -9.35 -24.63
CA ARG B 337 -29.38 -8.53 -23.59
C ARG B 337 -28.70 -7.25 -24.08
N ILE B 338 -28.74 -7.00 -25.38
CA ILE B 338 -28.12 -5.82 -25.92
C ILE B 338 -28.92 -5.37 -27.15
N ALA B 339 -29.01 -4.06 -27.35
CA ALA B 339 -29.76 -3.55 -28.48
C ALA B 339 -29.27 -2.17 -28.85
N SER B 340 -29.23 -1.89 -30.14
CA SER B 340 -28.78 -0.59 -30.60
C SER B 340 -29.75 0.49 -30.15
N TYR B 341 -29.27 1.73 -30.12
CA TYR B 341 -30.14 2.83 -29.76
C TYR B 341 -31.24 2.88 -30.83
N ARG B 342 -30.84 2.60 -32.07
CA ARG B 342 -31.77 2.65 -33.19
C ARG B 342 -32.97 1.74 -32.91
N GLN B 343 -32.68 0.56 -32.39
CA GLN B 343 -33.70 -0.43 -32.06
C GLN B 343 -34.48 0.02 -30.83
N LEU B 344 -33.79 0.49 -29.79
CA LEU B 344 -34.49 0.94 -28.60
C LEU B 344 -35.44 2.10 -28.92
N GLU B 345 -35.01 3.04 -29.77
CA GLU B 345 -35.85 4.17 -30.13
C GLU B 345 -37.12 3.67 -30.80
N GLN B 346 -36.98 2.64 -31.64
CA GLN B 346 -38.12 2.05 -32.32
C GLN B 346 -39.07 1.47 -31.29
N MET B 347 -38.52 0.74 -30.33
CA MET B 347 -39.29 0.11 -29.28
C MET B 347 -40.14 1.09 -28.48
N LEU B 348 -39.64 2.32 -28.33
CA LEU B 348 -40.34 3.40 -27.60
C LEU B 348 -41.46 4.05 -28.43
N GLN B 349 -41.36 3.94 -29.75
CA GLN B 349 -42.38 4.51 -30.64
C GLN B 349 -43.33 3.38 -31.03
N GLY B 350 -43.13 2.20 -30.42
CA GLY B 350 -43.96 1.05 -30.76
C GLY B 350 -45.00 0.60 -29.75
N ASN B 351 -45.29 1.41 -28.75
CA ASN B 351 -46.29 1.09 -27.75
C ASN B 351 -46.16 -0.37 -27.28
N TYR B 352 -44.98 -0.72 -26.79
CA TYR B 352 -44.70 -2.08 -26.32
C TYR B 352 -44.77 -2.22 -24.81
N GLY B 353 -45.04 -1.13 -24.10
CA GLY B 353 -45.14 -1.18 -22.65
C GLY B 353 -43.93 -0.69 -21.86
N TYR B 354 -42.92 -0.15 -22.55
CA TYR B 354 -41.73 0.37 -21.88
C TYR B 354 -41.97 1.80 -21.41
N GLN B 355 -41.43 2.14 -20.24
CA GLN B 355 -41.51 3.50 -19.72
C GLN B 355 -40.08 4.04 -19.84
N ARG B 356 -39.90 5.20 -20.46
CA ARG B 356 -38.55 5.76 -20.54
C ARG B 356 -38.43 6.62 -19.27
N LEU B 357 -37.47 6.29 -18.41
CA LEU B 357 -37.31 7.07 -17.19
C LEU B 357 -35.95 7.76 -17.17
N TRP B 358 -35.74 8.65 -16.22
CA TRP B 358 -34.49 9.40 -16.15
C TRP B 358 -33.93 9.50 -14.74
N ASN B 359 -32.63 9.22 -14.59
CA ASN B 359 -31.98 9.33 -13.29
C ASN B 359 -31.21 10.66 -13.33
N ASP B 360 -31.68 11.64 -12.56
CA ASP B 360 -31.04 12.95 -12.54
C ASP B 360 -29.69 13.06 -11.79
N LYS B 361 -29.24 11.95 -11.21
CA LYS B 361 -27.95 11.93 -10.50
C LYS B 361 -26.90 11.42 -11.50
N THR B 362 -27.23 10.31 -12.18
CA THR B 362 -26.34 9.71 -13.16
C THR B 362 -26.44 10.43 -14.50
N LYS B 363 -27.48 11.23 -14.66
CA LYS B 363 -27.73 11.95 -15.92
C LYS B 363 -27.83 10.98 -17.08
N THR B 364 -28.55 9.88 -16.88
CA THR B 364 -28.73 8.89 -17.92
C THR B 364 -30.14 8.34 -17.91
N PRO B 365 -30.63 7.93 -19.08
CA PRO B 365 -31.98 7.39 -19.18
C PRO B 365 -31.96 5.88 -18.94
N TYR B 366 -33.14 5.28 -18.91
CA TYR B 366 -33.29 3.84 -18.74
C TYR B 366 -34.74 3.52 -19.02
N LEU B 367 -34.98 2.29 -19.49
CA LEU B 367 -36.34 1.84 -19.77
C LEU B 367 -36.72 0.85 -18.72
N TYR B 368 -37.99 0.85 -18.34
CA TYR B 368 -38.52 -0.08 -17.37
C TYR B 368 -39.81 -0.66 -17.95
N HIS B 369 -39.88 -1.99 -17.99
CA HIS B 369 -41.08 -2.65 -18.50
C HIS B 369 -41.74 -3.30 -17.31
N ALA B 370 -42.76 -2.67 -16.77
CA ALA B 370 -43.44 -3.19 -15.58
C ALA B 370 -44.03 -4.57 -15.81
N GLN B 371 -44.90 -4.69 -16.83
CA GLN B 371 -45.56 -5.96 -17.12
C GLN B 371 -44.59 -7.14 -17.09
N ASN B 372 -43.49 -7.03 -17.83
CA ASN B 372 -42.55 -8.14 -17.88
C ASN B 372 -41.32 -8.07 -16.99
N GLY B 373 -41.19 -7.02 -16.18
CA GLY B 373 -40.01 -6.91 -15.32
C GLY B 373 -38.69 -6.87 -16.06
N LEU B 374 -38.54 -5.89 -16.93
CA LEU B 374 -37.32 -5.71 -17.71
C LEU B 374 -36.74 -4.32 -17.40
N PHE B 375 -35.43 -4.18 -17.57
CA PHE B 375 -34.71 -2.93 -17.33
C PHE B 375 -33.65 -2.80 -18.42
N VAL B 376 -33.57 -1.63 -19.04
CA VAL B 376 -32.57 -1.37 -20.08
C VAL B 376 -31.79 -0.12 -19.72
N THR B 377 -30.47 -0.23 -19.71
CA THR B 377 -29.62 0.93 -19.45
C THR B 377 -29.04 1.32 -20.80
N TYR B 378 -29.19 2.58 -21.17
CA TYR B 378 -28.68 3.04 -22.46
C TYR B 378 -28.42 4.54 -22.36
N ASP B 379 -27.94 5.14 -23.45
CA ASP B 379 -27.66 6.57 -23.49
C ASP B 379 -28.43 7.17 -24.66
N ASP B 380 -28.69 8.47 -24.59
CA ASP B 380 -29.39 9.13 -25.68
C ASP B 380 -28.95 10.56 -25.81
N ALA B 381 -29.69 11.32 -26.63
CA ALA B 381 -29.37 12.71 -26.91
C ALA B 381 -29.39 13.59 -25.66
N GLU B 382 -30.22 13.25 -24.68
CA GLU B 382 -30.27 14.04 -23.46
C GLU B 382 -29.04 13.76 -22.59
N SER B 383 -28.70 12.48 -22.41
CA SER B 383 -27.55 12.18 -21.58
C SER B 383 -26.27 12.70 -22.24
N PHE B 384 -26.26 12.82 -23.57
CA PHE B 384 -25.06 13.32 -24.24
C PHE B 384 -24.90 14.82 -23.98
N LYS B 385 -25.97 15.50 -23.60
CA LYS B 385 -25.85 16.93 -23.29
C LYS B 385 -24.95 17.10 -22.07
N TYR B 386 -25.18 16.28 -21.05
CA TYR B 386 -24.38 16.38 -19.82
C TYR B 386 -22.94 15.97 -20.11
N LYS B 387 -22.77 14.83 -20.79
CA LYS B 387 -21.45 14.35 -21.13
C LYS B 387 -20.70 15.33 -22.01
N ALA B 388 -21.38 15.93 -22.98
CA ALA B 388 -20.73 16.91 -23.84
C ALA B 388 -20.28 18.11 -23.00
N LYS B 389 -21.12 18.54 -22.06
CA LYS B 389 -20.73 19.68 -21.24
C LYS B 389 -19.51 19.31 -20.37
N TYR B 390 -19.50 18.07 -19.87
CA TYR B 390 -18.40 17.60 -19.03
C TYR B 390 -17.07 17.60 -19.82
N ILE B 391 -17.14 17.15 -21.06
CA ILE B 391 -15.99 17.12 -21.94
C ILE B 391 -15.45 18.56 -22.08
N LYS B 392 -16.36 19.50 -22.30
CA LYS B 392 -15.96 20.89 -22.43
C LYS B 392 -15.40 21.44 -21.12
N GLN B 393 -16.13 21.27 -20.03
CA GLN B 393 -15.68 21.78 -18.73
C GLN B 393 -14.37 21.19 -18.25
N GLN B 394 -14.16 19.90 -18.50
CA GLN B 394 -12.93 19.23 -18.07
C GLN B 394 -11.84 19.34 -19.09
N GLN B 395 -12.09 20.09 -20.17
CA GLN B 395 -11.12 20.26 -21.23
C GLN B 395 -10.59 18.93 -21.76
N LEU B 396 -11.51 18.02 -22.08
CA LEU B 396 -11.10 16.72 -22.60
C LEU B 396 -10.92 16.85 -24.12
N GLY B 397 -10.26 15.88 -24.74
CA GLY B 397 -10.01 15.94 -26.16
C GLY B 397 -11.27 15.84 -27.00
N GLY B 398 -12.26 15.09 -26.53
CA GLY B 398 -13.48 14.96 -27.30
C GLY B 398 -14.25 13.70 -26.92
N VAL B 399 -15.01 13.17 -27.88
CA VAL B 399 -15.83 12.00 -27.59
C VAL B 399 -15.57 10.89 -28.62
N MET B 400 -15.76 9.65 -28.19
CA MET B 400 -15.60 8.47 -29.04
C MET B 400 -16.85 7.65 -28.82
N PHE B 401 -17.25 6.85 -29.79
CA PHE B 401 -18.44 6.04 -29.57
C PHE B 401 -18.44 4.73 -30.33
N TRP B 402 -19.07 3.74 -29.71
CA TRP B 402 -19.22 2.43 -30.29
C TRP B 402 -20.73 2.17 -30.41
N HIS B 403 -21.26 2.00 -31.62
CA HIS B 403 -20.55 2.21 -32.88
C HIS B 403 -21.52 2.83 -33.88
N LEU B 404 -20.97 3.41 -34.96
CA LEU B 404 -21.76 4.09 -35.98
C LEU B 404 -23.02 3.36 -36.44
N GLY B 405 -22.95 2.04 -36.60
CA GLY B 405 -24.10 1.28 -37.07
C GLY B 405 -25.25 1.20 -36.09
N GLN B 406 -25.06 1.73 -34.88
CA GLN B 406 -26.13 1.65 -33.88
C GLN B 406 -26.93 2.95 -33.69
N ASP B 407 -26.52 4.00 -34.41
CA ASP B 407 -27.24 5.30 -34.37
C ASP B 407 -28.55 5.05 -35.13
N ASN B 408 -29.56 5.91 -34.99
CA ASN B 408 -30.77 5.64 -35.77
C ASN B 408 -30.47 5.95 -37.23
N ARG B 409 -31.42 5.69 -38.13
CA ARG B 409 -31.18 5.92 -39.54
C ARG B 409 -30.83 7.36 -39.88
N ASN B 410 -31.35 8.32 -39.12
CA ASN B 410 -31.04 9.71 -39.43
C ASN B 410 -29.71 10.18 -38.84
N GLY B 411 -29.08 9.31 -38.05
CA GLY B 411 -27.80 9.64 -37.43
C GLY B 411 -27.99 10.68 -36.32
N ASP B 412 -29.08 10.56 -35.58
CA ASP B 412 -29.40 11.54 -34.55
C ASP B 412 -28.43 11.66 -33.36
N LEU B 413 -27.85 10.55 -32.91
CA LEU B 413 -26.92 10.63 -31.79
C LEU B 413 -25.64 11.38 -32.25
N LEU B 414 -25.10 11.03 -33.41
CA LEU B 414 -23.90 11.74 -33.92
C LEU B 414 -24.19 13.25 -34.10
N ALA B 415 -25.35 13.59 -34.68
CA ALA B 415 -25.69 15.00 -34.88
C ALA B 415 -25.75 15.75 -33.56
N ALA B 416 -26.30 15.11 -32.53
CA ALA B 416 -26.41 15.73 -31.21
C ALA B 416 -25.03 16.12 -30.68
N LEU B 417 -24.12 15.16 -30.67
CA LEU B 417 -22.77 15.40 -30.17
C LEU B 417 -22.11 16.55 -30.92
N ASP B 418 -22.21 16.53 -32.24
CA ASP B 418 -21.61 17.59 -33.03
C ASP B 418 -22.28 18.92 -32.68
N ARG B 419 -23.59 18.86 -32.48
CA ARG B 419 -24.35 20.04 -32.14
C ARG B 419 -23.90 20.63 -30.81
N TYR B 420 -23.76 19.79 -29.79
CA TYR B 420 -23.39 20.25 -28.46
C TYR B 420 -22.02 20.90 -28.44
N PHE B 421 -21.15 20.47 -29.35
CA PHE B 421 -19.82 21.03 -29.40
C PHE B 421 -19.66 22.22 -30.34
N ASN B 422 -20.39 22.19 -31.45
CA ASN B 422 -20.19 23.23 -32.45
C ASN B 422 -21.34 24.12 -32.91
N ALA B 423 -22.56 23.84 -32.49
CA ALA B 423 -23.66 24.67 -33.00
C ALA B 423 -23.81 26.02 -32.31
N ALA B 424 -23.94 27.08 -33.11
CA ALA B 424 -24.11 28.42 -32.54
C ALA B 424 -25.48 28.54 -31.90
N ASP B 425 -26.44 27.74 -32.35
CA ASP B 425 -27.77 27.82 -31.79
C ASP B 425 -28.08 26.83 -30.68
N TYR B 426 -27.04 26.26 -30.10
CA TYR B 426 -27.19 25.36 -28.96
C TYR B 426 -26.45 26.07 -27.83
N ASP B 427 -27.09 26.19 -26.69
CA ASP B 427 -26.51 26.90 -25.57
C ASP B 427 -26.76 26.15 -24.28
N ASP B 428 -25.70 25.50 -23.76
CA ASP B 428 -25.79 24.73 -22.53
C ASP B 428 -25.25 25.44 -21.30
N SER B 429 -24.98 26.74 -21.42
CA SER B 429 -24.46 27.51 -20.28
C SER B 429 -25.29 27.37 -19.01
N GLN B 430 -26.58 27.12 -19.13
CA GLN B 430 -27.41 26.96 -17.93
C GLN B 430 -27.75 25.49 -17.62
N LEU B 431 -27.13 24.55 -18.34
CA LEU B 431 -27.40 23.13 -18.11
C LEU B 431 -26.87 22.74 -16.71
N ASP B 432 -27.76 22.25 -15.85
CA ASP B 432 -27.35 21.88 -14.50
C ASP B 432 -26.75 20.47 -14.43
N MET B 433 -25.47 20.40 -14.04
CA MET B 433 -24.79 19.12 -13.96
C MET B 433 -25.21 18.22 -12.81
N GLY B 434 -26.10 18.73 -11.95
CA GLY B 434 -26.63 17.92 -10.88
C GLY B 434 -25.82 17.69 -9.64
N THR B 435 -26.34 16.82 -8.78
CA THR B 435 -25.66 16.51 -7.53
C THR B 435 -25.20 15.09 -7.41
N GLY B 436 -25.00 14.43 -8.55
CA GLY B 436 -24.52 13.06 -8.51
C GLY B 436 -23.14 13.02 -7.84
N LEU B 437 -22.77 11.85 -7.35
CA LEU B 437 -21.48 11.72 -6.69
C LEU B 437 -20.31 11.83 -7.68
N ARG B 438 -19.40 12.76 -7.39
CA ARG B 438 -18.18 12.98 -8.16
C ARG B 438 -17.07 12.11 -7.59
N TYR B 439 -16.12 11.70 -8.42
CA TYR B 439 -15.00 10.90 -7.94
C TYR B 439 -14.09 11.87 -7.20
N THR B 440 -13.74 11.56 -5.95
CA THR B 440 -12.95 12.48 -5.15
C THR B 440 -11.47 12.17 -4.85
N GLY B 441 -10.92 11.16 -5.50
CA GLY B 441 -9.54 10.81 -5.23
C GLY B 441 -8.54 11.92 -5.55
N VAL B 442 -7.45 11.95 -4.80
CA VAL B 442 -6.37 12.91 -5.00
C VAL B 442 -5.09 12.11 -4.90
N GLY B 443 -4.27 12.17 -5.94
CA GLY B 443 -3.03 11.42 -5.95
C GLY B 443 -1.81 12.30 -5.81
N PRO B 444 -0.71 11.76 -5.25
CA PRO B 444 0.54 12.50 -5.05
C PRO B 444 1.02 13.19 -6.31
N GLY B 445 0.37 12.88 -7.44
CA GLY B 445 0.74 13.51 -8.68
C GLY B 445 -0.13 14.72 -9.04
N ASN B 446 -1.28 14.88 -8.40
CA ASN B 446 -2.19 16.01 -8.66
C ASN B 446 -2.61 16.71 -7.35
N LEU B 447 -1.63 16.96 -6.49
CA LEU B 447 -1.93 17.58 -5.21
C LEU B 447 -2.26 19.06 -5.33
N PRO B 448 -3.08 19.56 -4.40
CA PRO B 448 -3.43 20.98 -4.46
C PRO B 448 -2.29 21.80 -3.90
N ILE B 449 -2.21 23.03 -4.36
CA ILE B 449 -1.22 23.99 -3.86
C ILE B 449 -1.58 24.19 -2.39
N MET B 450 -0.59 24.11 -1.51
CA MET B 450 -0.81 24.35 -0.09
C MET B 450 0.25 25.32 0.42
N THR B 451 0.02 25.89 1.60
CA THR B 451 0.96 26.84 2.17
C THR B 451 1.23 26.50 3.63
N ALA B 452 2.50 26.41 4.00
CA ALA B 452 2.88 26.07 5.37
C ALA B 452 4.28 26.59 5.71
N PRO B 453 4.55 26.81 7.01
CA PRO B 453 5.86 27.29 7.48
C PRO B 453 6.92 26.28 7.03
N ALA B 454 8.13 26.76 6.73
CA ALA B 454 9.18 25.83 6.32
C ALA B 454 9.54 24.89 7.48
N TYR B 455 9.92 23.66 7.14
CA TYR B 455 10.33 22.68 8.16
C TYR B 455 11.56 23.24 8.87
N VAL B 456 11.66 23.01 10.18
CA VAL B 456 12.80 23.51 10.94
C VAL B 456 13.54 22.37 11.63
N PRO B 457 14.73 22.01 11.13
CA PRO B 457 15.48 20.91 11.75
C PRO B 457 15.67 21.16 13.26
N GLY B 458 15.56 20.09 14.03
CA GLY B 458 15.74 20.18 15.48
C GLY B 458 14.44 20.47 16.19
N THR B 459 13.38 20.66 15.42
CA THR B 459 12.09 20.92 16.01
C THR B 459 11.33 19.60 16.15
N THR B 460 10.52 19.50 17.19
CA THR B 460 9.71 18.32 17.42
C THR B 460 8.29 18.75 17.04
N TYR B 461 7.67 18.02 16.12
CA TYR B 461 6.33 18.33 15.63
C TYR B 461 5.26 17.41 16.18
N ALA B 462 4.09 17.98 16.43
CA ALA B 462 2.98 17.21 16.95
C ALA B 462 2.21 16.59 15.80
N GLN B 463 1.31 15.67 16.13
CA GLN B 463 0.50 15.03 15.10
C GLN B 463 -0.30 16.09 14.32
N GLY B 464 -0.41 15.90 13.01
CA GLY B 464 -1.15 16.84 12.19
C GLY B 464 -0.43 18.12 11.81
N ALA B 465 0.80 18.29 12.29
CA ALA B 465 1.55 19.51 11.98
C ALA B 465 1.77 19.57 10.46
N LEU B 466 1.85 20.78 9.93
CA LEU B 466 2.06 20.98 8.50
C LEU B 466 3.30 21.83 8.24
N VAL B 467 4.16 21.38 7.34
CA VAL B 467 5.36 22.14 7.00
C VAL B 467 5.64 22.03 5.51
N SER B 468 6.38 23.00 4.99
CA SER B 468 6.76 22.94 3.60
C SER B 468 8.20 22.53 3.61
N TYR B 469 8.56 21.72 2.63
CA TYR B 469 9.91 21.22 2.55
C TYR B 469 10.15 20.58 1.18
N GLN B 470 11.18 21.07 0.48
CA GLN B 470 11.57 20.58 -0.83
C GLN B 470 10.48 20.50 -1.90
N GLY B 471 9.65 21.55 -1.96
CA GLY B 471 8.63 21.60 -2.98
C GLY B 471 7.27 21.10 -2.58
N TYR B 472 7.16 20.54 -1.38
CA TYR B 472 5.87 20.03 -0.92
C TYR B 472 5.49 20.49 0.47
N VAL B 473 4.21 20.29 0.77
CA VAL B 473 3.70 20.58 2.08
C VAL B 473 3.48 19.16 2.63
N TRP B 474 3.93 18.93 3.86
CA TRP B 474 3.84 17.61 4.47
C TRP B 474 3.10 17.64 5.78
N GLN B 475 2.42 16.55 6.11
CA GLN B 475 1.70 16.46 7.37
C GLN B 475 2.19 15.25 8.17
N THR B 476 2.32 15.41 9.49
CA THR B 476 2.75 14.32 10.35
C THR B 476 1.56 13.43 10.63
N LYS B 477 1.78 12.13 10.68
CA LYS B 477 0.69 11.20 10.95
C LYS B 477 0.66 10.78 12.44
N TRP B 478 1.67 11.19 13.21
CA TRP B 478 1.70 10.92 14.64
C TRP B 478 2.58 11.94 15.34
N GLY B 479 2.64 11.89 16.68
CA GLY B 479 3.41 12.89 17.44
C GLY B 479 4.88 12.70 17.74
N TYR B 480 5.47 13.71 18.37
CA TYR B 480 6.91 13.69 18.72
C TYR B 480 7.78 13.36 17.53
N ILE B 481 7.46 13.96 16.37
CA ILE B 481 8.21 13.75 15.12
C ILE B 481 9.47 14.61 15.16
N THR B 482 10.62 13.96 15.15
CA THR B 482 11.88 14.68 15.20
C THR B 482 12.68 14.51 13.90
N SER B 483 12.14 13.77 12.94
CA SER B 483 12.81 13.53 11.64
C SER B 483 12.28 14.47 10.54
N ALA B 484 13.06 14.64 9.47
CA ALA B 484 12.65 15.53 8.37
C ALA B 484 11.70 14.85 7.37
N PRO B 485 10.91 15.65 6.63
CA PRO B 485 9.98 15.10 5.64
C PRO B 485 10.75 14.51 4.47
N GLY B 486 10.11 13.59 3.76
CA GLY B 486 10.74 12.93 2.63
C GLY B 486 10.33 11.47 2.63
N SER B 487 11.31 10.58 2.49
CA SER B 487 11.05 9.14 2.49
C SER B 487 10.82 8.55 3.89
N ASP B 488 10.71 9.41 4.90
CA ASP B 488 10.45 8.98 6.27
C ASP B 488 8.95 8.69 6.41
N SER B 489 8.62 7.57 7.04
CA SER B 489 7.22 7.17 7.22
C SER B 489 6.38 8.19 8.02
N ALA B 490 7.04 9.04 8.80
CA ALA B 490 6.35 9.99 9.63
C ALA B 490 5.58 11.10 8.92
N TRP B 491 6.12 11.57 7.81
CA TRP B 491 5.46 12.66 7.07
C TRP B 491 4.75 12.23 5.82
N LEU B 492 3.55 12.76 5.64
CA LEU B 492 2.73 12.47 4.46
C LEU B 492 2.66 13.67 3.53
N LYS B 493 3.07 13.48 2.29
CA LYS B 493 3.02 14.55 1.27
C LYS B 493 1.54 14.88 1.01
N VAL B 494 1.11 16.10 1.33
CA VAL B 494 -0.30 16.47 1.13
C VAL B 494 -0.54 17.61 0.15
N GLY B 495 0.50 18.37 -0.17
CA GLY B 495 0.31 19.47 -1.09
C GLY B 495 1.57 19.93 -1.77
N ARG B 496 1.41 20.79 -2.77
CA ARG B 496 2.54 21.33 -3.50
C ARG B 496 2.78 22.77 -3.08
N VAL B 497 4.04 23.14 -3.04
CA VAL B 497 4.44 24.50 -2.70
C VAL B 497 4.43 25.30 -3.99
N ALA B 498 3.84 26.49 -3.95
CA ALA B 498 3.76 27.36 -5.13
C ALA B 498 5.13 27.82 -5.62
C1 NAG C . 7.17 8.84 22.04
C2 NAG C . 7.99 7.58 22.25
C3 NAG C . 8.82 7.71 23.55
C4 NAG C . 9.58 9.06 23.63
C5 NAG C . 8.69 10.25 23.20
C6 NAG C . 9.50 11.51 22.99
C7 NAG C . 6.99 5.58 21.31
C8 NAG C . 6.28 4.26 21.61
N2 NAG C . 7.11 6.44 22.33
O1 NAG C . 6.49 8.75 20.83
O3 NAG C . 9.77 6.64 23.61
O4 NAG C . 10.00 9.28 24.98
O5 NAG C . 8.02 9.98 21.97
O6 NAG C . 10.40 11.34 21.90
O7 NAG C . 7.43 5.81 20.16
C1 NAG C . 11.33 9.10 25.31
C2 NAG C . 11.56 9.60 26.73
C3 NAG C . 13.02 9.39 27.14
C4 NAG C . 13.33 7.89 27.01
C5 NAG C . 12.97 7.34 25.63
C6 NAG C . 13.06 5.84 25.61
C7 NAG C . 11.57 12.01 26.21
C8 NAG C . 12.74 11.83 25.27
N2 NAG C . 11.12 10.98 26.93
O3 NAG C . 13.20 9.80 28.49
O4 NAG C . 14.69 7.66 27.26
O5 NAG C . 11.59 7.69 25.29
O6 NAG C . 12.57 5.33 24.38
O7 NAG C . 11.05 13.14 26.29
S SO4 D . 14.00 -22.24 42.64
O1 SO4 D . 12.90 -22.82 43.44
O2 SO4 D . 14.35 -20.91 43.16
O3 SO4 D . 15.19 -23.10 42.69
O4 SO4 D . 13.56 -22.14 41.23
C1 NGO E . 16.82 1.24 26.63
C2 NGO E . 17.82 2.40 26.17
C3 NGO E . 18.23 3.36 27.32
C4 NGO E . 17.12 3.56 28.36
C5 NGO E . 16.44 2.25 28.80
C6 NGO E . 15.26 2.43 29.75
C7 NGO E . 18.84 0.49 26.26
C8 NGO E . 19.97 -0.43 26.04
N2 NGO E . 18.95 1.74 25.80
O1 NGO E . 17.64 0.09 26.74
O3 NGO E . 18.64 4.62 26.77
O4 NGO E . 17.66 4.22 29.50
O5 NGO E . 15.91 1.53 27.69
O6 NGO E . 14.40 3.51 29.35
S SO4 F . -32.75 1.51 -44.07
O1 SO4 F . -32.39 0.58 -42.97
O2 SO4 F . -33.60 0.78 -45.04
O3 SO4 F . -33.51 2.66 -43.52
O4 SO4 F . -31.53 1.98 -44.74
S SO4 G . 10.86 -15.48 -24.31
O1 SO4 G . 11.00 -16.51 -23.25
O2 SO4 G . 9.98 -15.98 -25.38
O3 SO4 G . 10.28 -14.25 -23.73
O4 SO4 G . 12.19 -15.20 -24.90
S SO4 H . 8.36 30.39 6.84
O1 SO4 H . 7.00 30.75 7.30
O2 SO4 H . 9.14 31.61 6.58
O3 SO4 H . 9.03 29.62 7.89
O4 SO4 H . 8.29 29.58 5.61
C1 NGO I . -15.37 -1.44 -27.50
C2 NGO I . -14.48 -2.67 -27.95
C3 NGO I . -15.29 -3.66 -28.81
C4 NGO I . -16.60 -3.99 -28.05
C5 NGO I . -17.41 -2.70 -27.76
C6 NGO I . -17.85 -2.52 -26.32
C7 NGO I . -13.53 -0.77 -28.56
C8 NGO I . -12.51 0.17 -29.14
N2 NGO I . -13.39 -2.12 -28.61
O1 NGO I . -14.65 -0.32 -27.94
O3 NGO I . -14.51 -4.86 -29.00
O4 NGO I . -17.40 -4.86 -28.84
O5 NGO I . -16.67 -1.51 -28.11
O6 NGO I . -19.15 -3.05 -26.10
C1 NAG J . -17.40 -8.43 -20.62
C2 NAG J . -18.53 -8.90 -21.56
C3 NAG J . -18.07 -8.80 -23.02
C4 NAG J . -17.61 -7.37 -23.30
C5 NAG J . -16.56 -6.91 -22.29
C6 NAG J . -16.25 -5.42 -22.47
C7 NAG J . -18.13 -11.11 -20.63
C8 NAG J . -17.06 -11.84 -21.44
N2 NAG J . -18.93 -10.28 -21.30
O1 NAG J . -17.84 -8.46 -19.30
O3 NAG J . -19.16 -9.13 -23.88
O4 NAG J . -17.06 -7.30 -24.61
O5 NAG J . -17.05 -7.08 -20.94
O6 NAG J . -15.29 -4.97 -21.52
O7 NAG J . -18.24 -11.30 -19.41
#